data_3HUU
#
_entry.id   3HUU
#
_cell.length_a   51.872
_cell.length_b   68.080
_cell.length_c   97.835
_cell.angle_alpha   82.42
_cell.angle_beta   75.95
_cell.angle_gamma   79.39
#
_symmetry.space_group_name_H-M   'P 1'
#
loop_
_entity.id
_entity.type
_entity.pdbx_description
1 polymer 'Transcription regulator like protein'
2 water water
#
_entity_poly.entity_id   1
_entity_poly.type   'polypeptide(L)'
_entity_poly.pdbx_seq_one_letter_code
;MSLSKLGYIPNQAARTLITNKTLTIGLIQKSSAPEIRQNPFNSDVLNGINQACNVRGYSTRMTVSENSGDLYHEVKTMIQ
SKSVDGFILLYSLKDDPIEHLLNEFKVPYLIVGKSLNYENIIHIDNDNIDAAYQLTQYLYHLGHRHILFLQESGHYAVTE
DRSVGFKQYCDDVKISNDCVVIKSMNDLRDFIKQYCIDASHMPSVIITSDVMLNMQLLNVLYEYQLRIPEDIQTATFNTS
FLTENATPSQTSVNINPDVLGFTAGNTIIDVLRNETISFREKLISTQIVERVSTTKIEGHHHHHH
;
_entity_poly.pdbx_strand_id   A,B,C,D
#
# COMPACT_ATOMS: atom_id res chain seq x y z
N LYS A 21 46.75 -19.97 -14.21
CA LYS A 21 46.50 -21.44 -14.16
C LYS A 21 45.41 -21.81 -13.14
N THR A 22 44.33 -21.05 -13.13
CA THR A 22 43.22 -21.29 -12.22
C THR A 22 42.32 -22.39 -12.79
N LEU A 23 42.46 -22.63 -14.08
CA LEU A 23 41.65 -23.62 -14.78
C LEU A 23 40.18 -23.27 -14.54
N THR A 24 39.89 -21.98 -14.49
CA THR A 24 38.54 -21.50 -14.28
C THR A 24 38.17 -20.53 -15.39
N ILE A 25 36.88 -20.51 -15.73
CA ILE A 25 36.39 -19.62 -16.77
C ILE A 25 35.39 -18.67 -16.13
N GLY A 26 35.57 -17.38 -16.39
CA GLY A 26 34.65 -16.40 -15.82
C GLY A 26 33.50 -16.19 -16.78
N LEU A 27 32.27 -16.29 -16.25
CA LEU A 27 31.06 -16.12 -17.03
C LEU A 27 30.45 -14.76 -16.70
N ILE A 28 30.42 -13.89 -17.68
CA ILE A 28 29.88 -12.55 -17.46
C ILE A 28 28.47 -12.43 -17.98
N GLN A 29 27.50 -12.41 -17.07
CA GLN A 29 26.11 -12.24 -17.48
C GLN A 29 25.80 -10.75 -17.34
N LYS A 30 24.98 -10.22 -18.26
CA LYS A 30 24.67 -8.80 -18.24
C LYS A 30 24.15 -8.31 -16.89
N SER A 31 23.43 -9.18 -16.18
CA SER A 31 22.86 -8.82 -14.89
C SER A 31 22.28 -10.06 -14.20
N SER A 32 22.31 -10.07 -12.88
CA SER A 32 21.80 -11.21 -12.11
C SER A 32 20.39 -10.96 -11.60
N ALA A 33 19.74 -9.92 -12.11
CA ALA A 33 18.37 -9.59 -11.71
C ALA A 33 17.43 -10.69 -12.21
N PRO A 34 16.43 -11.07 -11.38
CA PRO A 34 15.45 -12.11 -11.68
C PRO A 34 15.01 -12.22 -13.13
N GLU A 35 14.47 -11.13 -13.67
CA GLU A 35 13.99 -11.10 -15.05
C GLU A 35 15.03 -11.56 -16.06
N ILE A 36 16.29 -11.37 -15.72
CA ILE A 36 17.39 -11.74 -16.61
C ILE A 36 17.88 -13.15 -16.32
N ARG A 37 18.29 -13.37 -15.07
CA ARG A 37 18.81 -14.64 -14.60
C ARG A 37 17.82 -15.80 -14.77
N GLN A 38 16.53 -15.51 -14.65
CA GLN A 38 15.52 -16.55 -14.78
C GLN A 38 15.18 -16.92 -16.23
N ASN A 39 15.70 -16.15 -17.18
CA ASN A 39 15.47 -16.43 -18.60
C ASN A 39 16.09 -17.82 -18.88
N PRO A 40 15.31 -18.74 -19.45
CA PRO A 40 15.84 -20.08 -19.72
C PRO A 40 17.05 -20.12 -20.65
N PHE A 41 17.30 -19.04 -21.38
CA PHE A 41 18.47 -18.99 -22.27
C PHE A 41 19.71 -19.14 -21.40
N ASN A 42 19.68 -18.49 -20.24
CA ASN A 42 20.79 -18.51 -19.29
C ASN A 42 21.07 -19.92 -18.77
N SER A 43 20.01 -20.63 -18.40
CA SER A 43 20.16 -21.97 -17.88
C SER A 43 20.70 -22.92 -18.96
N ASP A 44 20.22 -22.75 -20.19
CA ASP A 44 20.65 -23.60 -21.30
C ASP A 44 22.09 -23.37 -21.73
N VAL A 45 22.49 -22.12 -21.88
CA VAL A 45 23.86 -21.83 -22.29
C VAL A 45 24.83 -22.28 -21.18
N LEU A 46 24.45 -22.05 -19.92
CA LEU A 46 25.31 -22.46 -18.81
C LEU A 46 25.49 -23.98 -18.80
N ASN A 47 24.42 -24.71 -19.05
CA ASN A 47 24.50 -26.16 -19.08
C ASN A 47 25.46 -26.58 -20.21
N GLY A 48 25.37 -25.90 -21.35
CA GLY A 48 26.25 -26.21 -22.46
C GLY A 48 27.69 -25.94 -22.08
N ILE A 49 27.96 -24.75 -21.52
CA ILE A 49 29.30 -24.41 -21.10
C ILE A 49 29.81 -25.44 -20.11
N ASN A 50 28.95 -25.81 -19.15
CA ASN A 50 29.30 -26.80 -18.13
C ASN A 50 29.67 -28.16 -18.71
N GLN A 51 28.97 -28.57 -19.77
CA GLN A 51 29.25 -29.86 -20.40
C GLN A 51 30.65 -29.85 -20.97
N ALA A 52 31.04 -28.73 -21.56
CA ALA A 52 32.37 -28.56 -22.16
C ALA A 52 33.47 -28.50 -21.12
N CYS A 53 33.29 -27.66 -20.10
CA CYS A 53 34.30 -27.50 -19.07
C CYS A 53 34.55 -28.72 -18.17
N ASN A 54 33.48 -29.40 -17.75
CA ASN A 54 33.64 -30.57 -16.89
C ASN A 54 34.47 -31.68 -17.53
N VAL A 55 34.27 -31.92 -18.81
CA VAL A 55 35.05 -32.97 -19.47
C VAL A 55 36.50 -32.57 -19.72
N ARG A 56 36.78 -31.27 -19.82
CA ARG A 56 38.15 -30.83 -20.05
C ARG A 56 38.88 -30.35 -18.81
N GLY A 57 38.24 -30.49 -17.66
CA GLY A 57 38.86 -30.09 -16.41
C GLY A 57 38.91 -28.62 -16.05
N TYR A 58 37.83 -27.89 -16.32
CA TYR A 58 37.77 -26.46 -15.98
C TYR A 58 36.64 -26.19 -15.00
N SER A 59 36.84 -25.20 -14.13
CA SER A 59 35.83 -24.81 -13.14
C SER A 59 35.11 -23.59 -13.69
N THR A 60 34.14 -23.07 -12.93
CA THR A 60 33.41 -21.90 -13.39
C THR A 60 33.08 -20.90 -12.30
N ARG A 61 33.01 -19.63 -12.70
CA ARG A 61 32.67 -18.54 -11.80
C ARG A 61 31.77 -17.60 -12.59
N MET A 62 30.62 -17.26 -12.03
CA MET A 62 29.69 -16.37 -12.71
C MET A 62 29.48 -15.09 -11.90
N THR A 63 29.39 -13.97 -12.60
CA THR A 63 29.19 -12.68 -11.98
C THR A 63 27.86 -12.61 -11.26
N VAL A 64 27.77 -11.75 -10.24
CA VAL A 64 26.53 -11.61 -9.48
C VAL A 64 25.97 -10.19 -9.47
N SER A 65 26.71 -9.25 -10.06
CA SER A 65 26.28 -7.85 -10.10
C SER A 65 24.93 -7.69 -10.79
N GLU A 66 24.14 -6.73 -10.32
CA GLU A 66 22.81 -6.46 -10.87
C GLU A 66 22.72 -5.20 -11.73
N ASN A 67 23.83 -4.49 -11.85
CA ASN A 67 23.88 -3.29 -12.67
C ASN A 67 25.27 -3.17 -13.28
N SER A 68 25.36 -2.45 -14.39
CA SER A 68 26.62 -2.27 -15.12
C SER A 68 27.75 -1.67 -14.29
N GLY A 69 27.42 -0.72 -13.42
CA GLY A 69 28.45 -0.11 -12.58
C GLY A 69 29.15 -1.13 -11.70
N ASP A 70 28.38 -1.93 -10.97
CA ASP A 70 28.97 -2.95 -10.10
C ASP A 70 29.67 -4.05 -10.89
N LEU A 71 29.11 -4.42 -12.03
CA LEU A 71 29.69 -5.48 -12.86
C LEU A 71 31.11 -5.15 -13.34
N TYR A 72 31.34 -3.89 -13.69
CA TYR A 72 32.66 -3.46 -14.16
C TYR A 72 33.73 -3.72 -13.10
N HIS A 73 33.49 -3.18 -11.91
CA HIS A 73 34.45 -3.33 -10.81
C HIS A 73 34.52 -4.78 -10.33
N GLU A 74 33.44 -5.54 -10.54
CA GLU A 74 33.45 -6.95 -10.15
C GLU A 74 34.40 -7.66 -11.12
N VAL A 75 34.25 -7.39 -12.41
CA VAL A 75 35.11 -7.99 -13.43
C VAL A 75 36.56 -7.55 -13.29
N LYS A 76 36.76 -6.28 -12.93
CA LYS A 76 38.12 -5.79 -12.76
C LYS A 76 38.74 -6.47 -11.54
N THR A 77 37.96 -6.63 -10.47
CA THR A 77 38.46 -7.29 -9.27
C THR A 77 38.81 -8.74 -9.58
N MET A 78 38.06 -9.34 -10.50
CA MET A 78 38.29 -10.72 -10.91
C MET A 78 39.61 -10.78 -11.67
N ILE A 79 39.79 -9.82 -12.58
CA ILE A 79 41.01 -9.78 -13.38
C ILE A 79 42.25 -9.54 -12.52
N GLN A 80 42.16 -8.61 -11.58
CA GLN A 80 43.29 -8.31 -10.72
C GLN A 80 43.56 -9.40 -9.68
N SER A 81 42.50 -10.04 -9.22
CA SER A 81 42.66 -11.12 -8.24
C SER A 81 43.20 -12.36 -8.92
N LYS A 82 43.32 -12.30 -10.25
CA LYS A 82 43.82 -13.44 -11.03
C LYS A 82 42.94 -14.67 -10.74
N SER A 83 41.68 -14.44 -10.37
CA SER A 83 40.77 -15.53 -10.03
C SER A 83 40.25 -16.36 -11.21
N VAL A 84 40.59 -15.97 -12.45
CA VAL A 84 40.12 -16.72 -13.61
C VAL A 84 41.14 -16.67 -14.76
N ASP A 85 41.01 -17.61 -15.69
CA ASP A 85 41.93 -17.70 -16.84
C ASP A 85 41.40 -17.05 -18.12
N GLY A 86 40.09 -17.10 -18.30
CA GLY A 86 39.49 -16.51 -19.48
C GLY A 86 38.04 -16.17 -19.23
N PHE A 87 37.44 -15.40 -20.13
CA PHE A 87 36.05 -15.02 -19.95
C PHE A 87 35.17 -15.34 -21.14
N ILE A 88 33.88 -15.48 -20.85
CA ILE A 88 32.85 -15.68 -21.85
C ILE A 88 31.83 -14.61 -21.51
N LEU A 89 31.54 -13.72 -22.46
CA LEU A 89 30.54 -12.69 -22.24
C LEU A 89 29.24 -13.30 -22.70
N LEU A 90 28.24 -13.34 -21.84
CA LEU A 90 26.98 -13.93 -22.23
C LEU A 90 26.02 -12.92 -22.83
N TYR A 91 26.58 -11.92 -23.49
CA TYR A 91 25.79 -10.87 -24.15
C TYR A 91 26.72 -10.03 -25.00
N SER A 92 26.15 -9.13 -25.78
CA SER A 92 26.96 -8.24 -26.61
C SER A 92 26.27 -6.89 -26.55
N LEU A 93 27.04 -5.85 -26.26
CA LEU A 93 26.51 -4.49 -26.14
C LEU A 93 27.44 -3.49 -26.82
N LYS A 94 26.86 -2.60 -27.62
CA LYS A 94 27.65 -1.59 -28.31
C LYS A 94 28.37 -0.73 -27.28
N ASP A 95 29.66 -0.47 -27.51
CA ASP A 95 30.46 0.35 -26.62
C ASP A 95 30.41 -0.12 -25.16
N ASP A 96 30.54 -1.42 -24.97
CA ASP A 96 30.51 -2.00 -23.64
C ASP A 96 31.79 -1.72 -22.86
N PRO A 97 31.68 -1.07 -21.69
CA PRO A 97 32.86 -0.77 -20.88
C PRO A 97 33.62 -2.05 -20.53
N ILE A 98 32.87 -3.13 -20.34
CA ILE A 98 33.49 -4.40 -20.00
C ILE A 98 34.45 -4.85 -21.07
N GLU A 99 34.11 -4.65 -22.34
CA GLU A 99 35.04 -5.06 -23.39
C GLU A 99 36.28 -4.19 -23.46
N HIS A 100 36.15 -2.91 -23.11
CA HIS A 100 37.31 -2.02 -23.10
C HIS A 100 38.22 -2.51 -21.97
N LEU A 101 37.62 -2.83 -20.84
CA LEU A 101 38.37 -3.33 -19.67
C LEU A 101 39.15 -4.61 -20.00
N LEU A 102 38.46 -5.56 -20.63
CA LEU A 102 39.08 -6.84 -20.99
C LEU A 102 40.24 -6.66 -21.95
N ASN A 103 40.08 -5.78 -22.93
CA ASN A 103 41.16 -5.55 -23.88
C ASN A 103 42.32 -4.78 -23.26
N GLU A 104 42.03 -3.85 -22.36
CA GLU A 104 43.09 -3.08 -21.71
C GLU A 104 44.04 -3.99 -20.94
N PHE A 105 43.49 -5.04 -20.32
CA PHE A 105 44.30 -5.99 -19.56
C PHE A 105 44.74 -7.22 -20.33
N LYS A 106 44.47 -7.24 -21.63
CA LYS A 106 44.85 -8.35 -22.50
C LYS A 106 44.41 -9.73 -22.01
N VAL A 107 43.22 -9.81 -21.44
CA VAL A 107 42.69 -11.09 -20.95
C VAL A 107 41.89 -11.79 -22.04
N PRO A 108 42.09 -13.10 -22.20
CA PRO A 108 41.36 -13.83 -23.25
C PRO A 108 39.85 -13.86 -22.98
N TYR A 109 39.05 -13.70 -24.03
CA TYR A 109 37.61 -13.76 -23.87
C TYR A 109 36.97 -13.94 -25.22
N LEU A 110 35.72 -14.39 -25.18
CA LEU A 110 34.94 -14.63 -26.37
C LEU A 110 33.54 -14.11 -26.09
N ILE A 111 32.80 -13.83 -27.16
CA ILE A 111 31.45 -13.32 -27.00
C ILE A 111 30.35 -14.26 -27.50
N VAL A 112 29.31 -14.45 -26.69
CA VAL A 112 28.19 -15.24 -27.16
C VAL A 112 27.27 -14.15 -27.68
N GLY A 113 27.37 -13.90 -28.98
CA GLY A 113 26.59 -12.86 -29.61
C GLY A 113 27.39 -12.29 -30.77
N LYS A 114 27.02 -11.10 -31.23
CA LYS A 114 27.69 -10.44 -32.35
C LYS A 114 28.79 -9.51 -31.84
N SER A 115 30.00 -9.65 -32.38
CA SER A 115 31.10 -8.79 -31.96
C SER A 115 30.92 -7.40 -32.59
N LEU A 116 30.81 -6.38 -31.73
CA LEU A 116 30.59 -5.02 -32.20
C LEU A 116 31.64 -3.97 -31.86
N ASN A 117 32.56 -4.28 -30.95
CA ASN A 117 33.52 -3.27 -30.51
C ASN A 117 34.97 -3.44 -30.93
N TYR A 118 35.47 -4.66 -30.84
CA TYR A 118 36.85 -4.95 -31.22
C TYR A 118 36.86 -6.03 -32.29
N GLU A 119 37.55 -5.79 -33.39
CA GLU A 119 37.62 -6.77 -34.45
C GLU A 119 38.54 -7.87 -33.95
N ASN A 120 38.52 -9.01 -34.63
CA ASN A 120 39.37 -10.15 -34.25
C ASN A 120 39.03 -10.78 -32.88
N ILE A 121 37.87 -10.43 -32.34
CA ILE A 121 37.42 -11.02 -31.07
C ILE A 121 36.53 -12.19 -31.43
N ILE A 122 36.83 -13.37 -30.91
CA ILE A 122 36.04 -14.56 -31.21
C ILE A 122 34.60 -14.44 -30.68
N HIS A 123 33.64 -14.85 -31.49
CA HIS A 123 32.25 -14.84 -31.05
C HIS A 123 31.44 -15.99 -31.63
N ILE A 124 30.55 -16.53 -30.79
CA ILE A 124 29.65 -17.64 -31.13
C ILE A 124 28.24 -17.05 -31.06
N ASP A 125 27.42 -17.28 -32.07
CA ASP A 125 26.10 -16.69 -32.10
C ASP A 125 25.22 -17.43 -33.11
N ASN A 126 23.97 -16.98 -33.22
CA ASN A 126 23.03 -17.52 -34.18
C ASN A 126 23.02 -16.35 -35.16
N ASP A 127 22.43 -16.53 -36.34
CA ASP A 127 22.33 -15.42 -37.27
C ASP A 127 20.95 -14.88 -36.89
N ASN A 128 20.92 -14.00 -35.90
CA ASN A 128 19.65 -13.45 -35.42
C ASN A 128 18.92 -12.61 -36.44
N ILE A 129 19.66 -12.00 -37.37
CA ILE A 129 19.04 -11.21 -38.41
C ILE A 129 18.23 -12.15 -39.28
N ASP A 130 18.85 -13.25 -39.71
CA ASP A 130 18.16 -14.21 -40.55
C ASP A 130 17.07 -14.98 -39.79
N ALA A 131 17.29 -15.23 -38.51
CA ALA A 131 16.29 -15.95 -37.73
C ALA A 131 14.99 -15.14 -37.66
N ALA A 132 15.10 -13.83 -37.56
CA ALA A 132 13.92 -12.97 -37.51
C ALA A 132 13.31 -12.86 -38.91
N TYR A 133 14.18 -12.82 -39.93
CA TYR A 133 13.74 -12.73 -41.31
C TYR A 133 12.87 -13.95 -41.62
N GLN A 134 13.34 -15.12 -41.19
CA GLN A 134 12.63 -16.37 -41.42
C GLN A 134 11.32 -16.52 -40.65
N LEU A 135 11.27 -15.96 -39.44
CA LEU A 135 10.05 -16.04 -38.64
C LEU A 135 8.97 -15.16 -39.26
N THR A 136 9.36 -13.97 -39.70
CA THR A 136 8.45 -13.02 -40.32
C THR A 136 7.94 -13.63 -41.64
N GLN A 137 8.85 -14.23 -42.39
CA GLN A 137 8.51 -14.88 -43.64
C GLN A 137 7.49 -16.00 -43.40
N TYR A 138 7.75 -16.82 -42.37
CA TYR A 138 6.85 -17.91 -42.02
C TYR A 138 5.46 -17.35 -41.71
N LEU A 139 5.43 -16.26 -40.96
CA LEU A 139 4.15 -15.63 -40.61
C LEU A 139 3.47 -15.03 -41.86
N TYR A 140 4.27 -14.49 -42.78
CA TYR A 140 3.73 -13.92 -43.99
C TYR A 140 3.06 -15.01 -44.80
N HIS A 141 3.69 -16.18 -44.83
CA HIS A 141 3.19 -17.33 -45.57
C HIS A 141 1.87 -17.88 -45.00
N LEU A 142 1.58 -17.58 -43.74
CA LEU A 142 0.33 -18.02 -43.12
C LEU A 142 -0.78 -17.06 -43.51
N GLY A 143 -0.38 -15.90 -44.04
CA GLY A 143 -1.35 -14.91 -44.47
C GLY A 143 -1.30 -13.59 -43.72
N HIS A 144 -0.35 -13.43 -42.80
CA HIS A 144 -0.25 -12.19 -42.02
C HIS A 144 0.33 -11.05 -42.85
N ARG A 145 -0.23 -9.85 -42.69
CA ARG A 145 0.25 -8.68 -43.43
C ARG A 145 0.44 -7.51 -42.49
N HIS A 146 -0.18 -7.57 -41.32
CA HIS A 146 -0.05 -6.51 -40.33
C HIS A 146 0.61 -7.10 -39.09
N ILE A 147 1.94 -7.11 -39.13
CA ILE A 147 2.75 -7.67 -38.07
C ILE A 147 3.40 -6.60 -37.20
N LEU A 148 3.33 -6.82 -35.88
CA LEU A 148 3.88 -5.91 -34.89
C LEU A 148 5.05 -6.59 -34.19
N PHE A 149 6.19 -5.91 -34.16
CA PHE A 149 7.38 -6.46 -33.52
C PHE A 149 7.63 -5.73 -32.20
N LEU A 150 7.56 -6.46 -31.09
CA LEU A 150 7.82 -5.86 -29.78
C LEU A 150 9.27 -6.14 -29.42
N GLN A 151 9.99 -5.06 -29.14
CA GLN A 151 11.41 -5.10 -28.82
C GLN A 151 11.68 -4.85 -27.33
N GLU A 152 12.48 -5.71 -26.73
CA GLU A 152 12.82 -5.55 -25.32
C GLU A 152 13.75 -4.34 -25.23
N SER A 153 13.73 -3.64 -24.09
CA SER A 153 14.57 -2.46 -23.95
C SER A 153 16.05 -2.84 -23.88
N GLY A 154 16.91 -1.84 -24.04
CA GLY A 154 18.34 -2.09 -24.00
C GLY A 154 18.95 -2.00 -25.38
N HIS A 155 20.26 -1.79 -25.43
CA HIS A 155 20.93 -1.64 -26.71
C HIS A 155 21.69 -2.91 -27.09
N TYR A 156 21.27 -4.04 -26.54
CA TYR A 156 21.94 -5.31 -26.81
C TYR A 156 21.86 -5.73 -28.25
N ALA A 157 22.98 -6.24 -28.76
CA ALA A 157 23.09 -6.66 -30.15
C ALA A 157 22.05 -7.68 -30.64
N VAL A 158 21.78 -8.70 -29.83
CA VAL A 158 20.83 -9.72 -30.25
C VAL A 158 19.46 -9.12 -30.59
N THR A 159 18.99 -8.21 -29.74
CA THR A 159 17.70 -7.57 -29.94
C THR A 159 17.69 -6.70 -31.19
N GLU A 160 18.77 -5.96 -31.42
CA GLU A 160 18.87 -5.10 -32.58
C GLU A 160 18.87 -5.95 -33.86
N ASP A 161 19.57 -7.08 -33.82
CA ASP A 161 19.64 -7.96 -34.98
C ASP A 161 18.28 -8.52 -35.37
N ARG A 162 17.48 -8.92 -34.38
CA ARG A 162 16.16 -9.46 -34.68
C ARG A 162 15.23 -8.38 -35.22
N SER A 163 15.33 -7.17 -34.71
CA SER A 163 14.48 -6.10 -35.21
C SER A 163 14.88 -5.81 -36.65
N VAL A 164 16.18 -5.90 -36.93
CA VAL A 164 16.68 -5.66 -38.28
C VAL A 164 16.16 -6.66 -39.30
N GLY A 165 16.21 -7.94 -38.95
CA GLY A 165 15.72 -8.97 -39.85
C GLY A 165 14.23 -8.79 -40.14
N PHE A 166 13.47 -8.43 -39.11
CA PHE A 166 12.03 -8.22 -39.27
C PHE A 166 11.77 -7.10 -40.27
N LYS A 167 12.47 -5.99 -40.09
CA LYS A 167 12.31 -4.84 -40.97
C LYS A 167 12.76 -5.12 -42.39
N GLN A 168 13.80 -5.92 -42.56
CA GLN A 168 14.28 -6.26 -43.89
C GLN A 168 13.21 -7.06 -44.63
N TYR A 169 12.58 -8.02 -43.96
CA TYR A 169 11.55 -8.82 -44.63
C TYR A 169 10.35 -7.95 -45.02
N CYS A 170 9.93 -7.09 -44.09
CA CYS A 170 8.81 -6.20 -44.37
C CYS A 170 9.14 -5.31 -45.55
N ASP A 171 10.43 -4.99 -45.69
CA ASP A 171 10.87 -4.14 -46.80
C ASP A 171 10.86 -4.89 -48.12
N ASP A 172 11.12 -6.19 -48.07
CA ASP A 172 11.12 -6.99 -49.29
C ASP A 172 9.73 -7.31 -49.82
N VAL A 173 8.74 -7.33 -48.92
CA VAL A 173 7.38 -7.60 -49.34
C VAL A 173 6.52 -6.34 -49.25
N LYS A 174 7.17 -5.23 -48.93
CA LYS A 174 6.51 -3.92 -48.81
C LYS A 174 5.29 -3.84 -47.91
N ILE A 175 5.41 -4.32 -46.67
CA ILE A 175 4.31 -4.27 -45.71
C ILE A 175 4.70 -3.39 -44.54
N SER A 176 3.78 -3.21 -43.59
CA SER A 176 4.03 -2.39 -42.41
C SER A 176 5.15 -3.01 -41.58
N ASN A 177 5.98 -2.18 -40.97
CA ASN A 177 7.08 -2.68 -40.15
C ASN A 177 7.09 -2.04 -38.75
N ASP A 178 5.90 -1.97 -38.14
CA ASP A 178 5.77 -1.40 -36.80
C ASP A 178 6.68 -2.12 -35.80
N CYS A 179 7.60 -1.37 -35.22
CA CYS A 179 8.56 -1.89 -34.26
C CYS A 179 8.55 -0.98 -33.02
N VAL A 180 8.12 -1.54 -31.89
CA VAL A 180 8.05 -0.78 -30.65
C VAL A 180 8.87 -1.33 -29.50
N VAL A 181 9.58 -0.44 -28.81
CA VAL A 181 10.41 -0.82 -27.67
C VAL A 181 9.56 -0.76 -26.41
N ILE A 182 9.57 -1.83 -25.63
CA ILE A 182 8.80 -1.90 -24.39
C ILE A 182 9.74 -1.71 -23.21
N LYS A 183 9.52 -0.67 -22.43
CA LYS A 183 10.36 -0.38 -21.27
C LYS A 183 9.93 -1.13 -20.02
N SER A 184 8.63 -1.34 -19.87
CA SER A 184 8.10 -2.03 -18.70
C SER A 184 6.72 -2.61 -18.96
N MET A 185 6.18 -3.28 -17.96
CA MET A 185 4.86 -3.88 -18.08
C MET A 185 3.82 -2.78 -18.31
N ASN A 186 3.99 -1.67 -17.61
CA ASN A 186 3.06 -0.55 -17.74
C ASN A 186 3.02 -0.04 -19.17
N ASP A 187 4.20 0.17 -19.75
CA ASP A 187 4.26 0.63 -21.13
C ASP A 187 3.63 -0.40 -22.05
N LEU A 188 3.80 -1.68 -21.71
CA LEU A 188 3.24 -2.76 -22.50
C LEU A 188 1.72 -2.63 -22.53
N ARG A 189 1.11 -2.53 -21.34
CA ARG A 189 -0.34 -2.39 -21.25
C ARG A 189 -0.82 -1.18 -22.02
N ASP A 190 -0.19 -0.03 -21.76
CA ASP A 190 -0.57 1.21 -22.44
C ASP A 190 -0.52 0.97 -23.94
N PHE A 191 0.53 0.33 -24.40
CA PHE A 191 0.68 0.06 -25.81
C PHE A 191 -0.49 -0.80 -26.29
N ILE A 192 -1.09 -1.52 -25.35
CA ILE A 192 -2.25 -2.36 -25.62
C ILE A 192 -1.88 -3.67 -26.31
N HIS A 201 -7.80 -0.73 -36.37
CA HIS A 201 -7.44 -2.10 -36.74
C HIS A 201 -6.16 -2.55 -36.03
N MET A 202 -6.25 -3.70 -35.35
CA MET A 202 -5.09 -4.23 -34.63
C MET A 202 -4.27 -5.20 -35.49
N PRO A 203 -3.00 -5.44 -35.11
CA PRO A 203 -2.20 -6.37 -35.91
C PRO A 203 -2.80 -7.75 -35.79
N SER A 204 -2.52 -8.61 -36.77
CA SER A 204 -3.04 -9.98 -36.73
C SER A 204 -2.10 -10.89 -35.96
N VAL A 205 -0.85 -10.47 -35.80
CA VAL A 205 0.12 -11.26 -35.07
C VAL A 205 1.18 -10.34 -34.47
N ILE A 206 1.67 -10.68 -33.29
CA ILE A 206 2.67 -9.89 -32.59
C ILE A 206 3.88 -10.76 -32.30
N ILE A 207 5.06 -10.31 -32.70
CA ILE A 207 6.28 -11.06 -32.44
C ILE A 207 6.99 -10.34 -31.30
N THR A 208 7.50 -11.10 -30.34
CA THR A 208 8.25 -10.49 -29.24
C THR A 208 9.69 -10.95 -29.42
N SER A 209 10.63 -10.06 -29.13
CA SER A 209 12.05 -10.37 -29.32
C SER A 209 12.62 -11.43 -28.35
N ASP A 210 11.92 -11.69 -27.25
CA ASP A 210 12.39 -12.69 -26.29
C ASP A 210 11.24 -13.23 -25.47
N VAL A 211 11.42 -14.45 -24.97
CA VAL A 211 10.43 -15.15 -24.18
C VAL A 211 9.90 -14.45 -22.94
N MET A 212 10.77 -13.72 -22.22
CA MET A 212 10.30 -13.06 -21.01
C MET A 212 9.37 -11.90 -21.37
N LEU A 213 9.69 -11.17 -22.43
CA LEU A 213 8.83 -10.08 -22.89
C LEU A 213 7.52 -10.73 -23.37
N ASN A 214 7.64 -11.92 -23.96
CA ASN A 214 6.49 -12.67 -24.46
C ASN A 214 5.55 -13.07 -23.33
N MET A 215 6.09 -13.53 -22.21
CA MET A 215 5.25 -13.92 -21.07
C MET A 215 4.38 -12.72 -20.65
N GLN A 216 5.00 -11.55 -20.60
CA GLN A 216 4.30 -10.34 -20.21
C GLN A 216 3.19 -9.99 -21.20
N LEU A 217 3.48 -10.18 -22.49
CA LEU A 217 2.48 -9.91 -23.52
C LEU A 217 1.29 -10.84 -23.38
N LEU A 218 1.54 -12.12 -23.12
CA LEU A 218 0.44 -13.08 -22.98
C LEU A 218 -0.41 -12.70 -21.77
N ASN A 219 0.25 -12.17 -20.73
CA ASN A 219 -0.45 -11.77 -19.52
C ASN A 219 -1.39 -10.61 -19.84
N VAL A 220 -0.90 -9.61 -20.57
CA VAL A 220 -1.73 -8.48 -20.94
C VAL A 220 -2.88 -8.88 -21.86
N LEU A 221 -2.59 -9.70 -22.87
CA LEU A 221 -3.62 -10.13 -23.79
C LEU A 221 -4.75 -10.89 -23.06
N TYR A 222 -4.38 -11.67 -22.05
CA TYR A 222 -5.36 -12.41 -21.26
C TYR A 222 -6.24 -11.43 -20.49
N GLU A 223 -5.61 -10.46 -19.84
CA GLU A 223 -6.33 -9.45 -19.07
C GLU A 223 -7.35 -8.73 -19.95
N TYR A 224 -6.95 -8.42 -21.18
CA TYR A 224 -7.82 -7.73 -22.14
C TYR A 224 -8.73 -8.72 -22.89
N GLN A 225 -8.72 -9.98 -22.45
CA GLN A 225 -9.53 -11.04 -23.04
C GLN A 225 -9.38 -11.27 -24.54
N LEU A 226 -8.17 -11.11 -25.07
CA LEU A 226 -7.94 -11.35 -26.50
C LEU A 226 -7.43 -12.78 -26.59
N ARG A 227 -8.27 -13.66 -27.14
CA ARG A 227 -7.93 -15.07 -27.27
C ARG A 227 -6.89 -15.33 -28.36
N ILE A 228 -6.05 -16.32 -28.13
CA ILE A 228 -4.99 -16.70 -29.06
C ILE A 228 -5.23 -18.14 -29.48
N PRO A 229 -5.22 -18.44 -30.78
CA PRO A 229 -4.99 -17.57 -31.94
C PRO A 229 -6.25 -16.93 -32.55
N GLU A 230 -7.41 -17.22 -31.98
CA GLU A 230 -8.68 -16.68 -32.49
C GLU A 230 -8.70 -15.18 -32.72
N ASP A 231 -8.45 -14.41 -31.68
CA ASP A 231 -8.48 -12.95 -31.80
C ASP A 231 -7.16 -12.35 -32.29
N ILE A 232 -6.05 -12.96 -31.91
CA ILE A 232 -4.73 -12.46 -32.32
C ILE A 232 -3.71 -13.57 -32.16
N GLN A 233 -2.63 -13.50 -32.94
CA GLN A 233 -1.59 -14.50 -32.88
C GLN A 233 -0.30 -13.92 -32.33
N THR A 234 0.58 -14.79 -31.86
CA THR A 234 1.85 -14.34 -31.27
C THR A 234 2.96 -15.32 -31.59
N ALA A 235 4.19 -14.83 -31.54
CA ALA A 235 5.37 -15.65 -31.80
C ALA A 235 6.53 -14.99 -31.08
N THR A 236 7.54 -15.77 -30.71
CA THR A 236 8.68 -15.23 -29.99
C THR A 236 9.97 -15.97 -30.36
N PHE A 237 11.06 -15.64 -29.67
CA PHE A 237 12.37 -16.26 -29.89
C PHE A 237 12.81 -17.05 -28.66
N ASN A 238 13.54 -18.13 -28.88
CA ASN A 238 14.06 -18.99 -27.82
C ASN A 238 13.08 -20.03 -27.28
N THR A 239 12.95 -21.13 -28.01
CA THR A 239 12.06 -22.21 -27.61
C THR A 239 12.52 -22.78 -26.28
N SER A 240 11.58 -23.08 -25.39
CA SER A 240 11.91 -23.60 -24.08
C SER A 240 10.65 -24.09 -23.38
N PHE A 241 10.80 -24.60 -22.18
CA PHE A 241 9.64 -25.08 -21.43
C PHE A 241 8.60 -23.96 -21.36
N LEU A 242 9.07 -22.73 -21.16
CA LEU A 242 8.20 -21.57 -21.06
C LEU A 242 7.42 -21.26 -22.33
N THR A 243 7.96 -21.61 -23.50
CA THR A 243 7.24 -21.36 -24.73
C THR A 243 6.34 -22.55 -25.03
N GLU A 244 6.85 -23.75 -24.78
CA GLU A 244 6.07 -24.97 -25.03
C GLU A 244 4.87 -25.08 -24.09
N ASN A 245 4.98 -24.49 -22.90
CA ASN A 245 3.90 -24.56 -21.93
C ASN A 245 3.30 -23.20 -21.60
N ALA A 246 3.43 -22.27 -22.53
CA ALA A 246 2.85 -20.95 -22.34
C ALA A 246 1.34 -21.09 -22.53
N THR A 247 0.63 -19.98 -22.33
CA THR A 247 -0.82 -19.94 -22.46
C THR A 247 -1.22 -19.06 -23.64
N PRO A 248 -1.43 -19.66 -24.82
CA PRO A 248 -1.33 -21.08 -25.16
C PRO A 248 0.11 -21.33 -25.63
N SER A 249 0.42 -22.56 -26.03
CA SER A 249 1.78 -22.88 -26.50
C SER A 249 2.21 -21.90 -27.58
N GLN A 250 3.47 -21.46 -27.52
CA GLN A 250 3.97 -20.45 -28.45
C GLN A 250 4.84 -20.91 -29.62
N THR A 251 4.48 -20.46 -30.81
CA THR A 251 5.28 -20.76 -31.99
C THR A 251 6.56 -19.99 -31.70
N SER A 252 7.71 -20.63 -31.86
CA SER A 252 8.94 -19.93 -31.53
C SER A 252 10.14 -20.36 -32.34
N VAL A 253 11.18 -19.54 -32.24
CA VAL A 253 12.42 -19.80 -32.92
C VAL A 253 13.32 -20.55 -31.95
N ASN A 254 13.80 -21.72 -32.37
CA ASN A 254 14.69 -22.53 -31.54
C ASN A 254 16.10 -22.09 -31.89
N ILE A 255 16.79 -21.50 -30.92
CA ILE A 255 18.15 -21.03 -31.19
C ILE A 255 19.23 -21.95 -30.64
N ASN A 256 18.82 -23.12 -30.17
CA ASN A 256 19.74 -24.13 -29.66
C ASN A 256 20.82 -23.59 -28.74
N PRO A 257 20.42 -22.98 -27.62
CA PRO A 257 21.35 -22.40 -26.66
C PRO A 257 22.33 -23.37 -26.02
N ASP A 258 21.95 -24.64 -25.90
CA ASP A 258 22.87 -25.59 -25.30
C ASP A 258 24.08 -25.78 -26.22
N VAL A 259 23.85 -25.68 -27.53
CA VAL A 259 24.94 -25.80 -28.49
C VAL A 259 25.77 -24.53 -28.50
N LEU A 260 25.14 -23.38 -28.25
CA LEU A 260 25.88 -22.12 -28.20
C LEU A 260 26.83 -22.20 -27.01
N GLY A 261 26.31 -22.79 -25.92
CA GLY A 261 27.10 -22.93 -24.71
C GLY A 261 28.24 -23.91 -24.85
N PHE A 262 27.92 -25.09 -25.37
CA PHE A 262 28.90 -26.14 -25.57
C PHE A 262 29.99 -25.62 -26.52
N THR A 263 29.57 -24.91 -27.56
CA THR A 263 30.51 -24.37 -28.53
C THR A 263 31.36 -23.27 -27.91
N ALA A 264 30.75 -22.41 -27.11
CA ALA A 264 31.47 -21.32 -26.46
C ALA A 264 32.45 -21.87 -25.44
N GLY A 265 32.04 -22.93 -24.75
CA GLY A 265 32.91 -23.52 -23.75
C GLY A 265 34.15 -24.15 -24.36
N ASN A 266 33.94 -24.94 -25.40
CA ASN A 266 35.07 -25.60 -26.06
C ASN A 266 35.97 -24.63 -26.82
N THR A 267 35.39 -23.53 -27.30
CA THR A 267 36.18 -22.56 -28.03
C THR A 267 37.09 -21.73 -27.13
N ILE A 268 36.62 -21.37 -25.93
CA ILE A 268 37.46 -20.58 -25.03
C ILE A 268 38.57 -21.45 -24.42
N ILE A 269 38.31 -22.75 -24.27
CA ILE A 269 39.32 -23.64 -23.73
C ILE A 269 40.38 -23.82 -24.82
N ASP A 270 39.95 -23.93 -26.08
CA ASP A 270 40.88 -24.08 -27.19
C ASP A 270 41.84 -22.90 -27.24
N VAL A 271 41.33 -21.70 -26.95
CA VAL A 271 42.15 -20.49 -26.95
C VAL A 271 43.13 -20.48 -25.79
N LEU A 272 42.66 -20.85 -24.60
CA LEU A 272 43.51 -20.87 -23.42
C LEU A 272 44.61 -21.94 -23.54
N ARG A 273 44.29 -23.02 -24.26
CA ARG A 273 45.25 -24.10 -24.46
C ARG A 273 46.13 -23.76 -25.66
N ASN A 274 47.19 -24.53 -25.85
CA ASN A 274 48.09 -24.28 -26.97
C ASN A 274 48.73 -22.90 -26.89
N PHE A 279 40.25 -14.16 -35.95
CA PHE A 279 40.36 -15.43 -35.24
C PHE A 279 39.34 -16.44 -35.72
N ARG A 280 38.22 -16.55 -35.00
CA ARG A 280 37.17 -17.49 -35.37
C ARG A 280 35.79 -16.93 -35.03
N GLU A 281 34.82 -17.18 -35.91
CA GLU A 281 33.44 -16.78 -35.64
C GLU A 281 32.60 -18.00 -36.00
N LYS A 282 31.76 -18.43 -35.06
CA LYS A 282 30.93 -19.61 -35.29
C LYS A 282 29.44 -19.29 -35.15
N LEU A 283 28.64 -19.83 -36.07
CA LEU A 283 27.21 -19.62 -36.06
C LEU A 283 26.47 -20.94 -35.79
N ILE A 284 25.42 -20.85 -34.98
CA ILE A 284 24.59 -22.00 -34.62
C ILE A 284 23.23 -21.83 -35.29
N SER A 285 22.77 -22.87 -35.96
CA SER A 285 21.50 -22.82 -36.68
C SER A 285 20.30 -22.59 -35.77
N THR A 286 19.19 -22.19 -36.39
CA THR A 286 17.95 -21.96 -35.67
C THR A 286 16.83 -22.60 -36.49
N GLN A 287 15.77 -23.05 -35.83
CA GLN A 287 14.65 -23.66 -36.52
C GLN A 287 13.36 -23.11 -35.94
N ILE A 288 12.32 -23.03 -36.77
CA ILE A 288 11.03 -22.54 -36.30
C ILE A 288 10.23 -23.70 -35.71
N VAL A 289 9.69 -23.50 -34.53
CA VAL A 289 8.89 -24.52 -33.86
C VAL A 289 7.45 -24.02 -33.88
N GLU A 290 6.59 -24.76 -34.56
CA GLU A 290 5.20 -24.39 -34.72
C GLU A 290 4.28 -24.91 -33.62
N ARG A 291 3.51 -24.01 -33.04
CA ARG A 291 2.60 -24.40 -31.98
C ARG A 291 1.23 -23.73 -32.14
N VAL A 292 0.44 -23.80 -31.08
CA VAL A 292 -0.91 -23.24 -31.08
C VAL A 292 -1.08 -21.74 -31.30
N SER A 293 -0.10 -20.93 -30.91
CA SER A 293 -0.21 -19.48 -31.05
C SER A 293 -0.29 -18.93 -32.47
N THR A 294 0.03 -19.72 -33.47
CA THR A 294 -0.07 -19.24 -34.86
C THR A 294 -0.83 -20.24 -35.71
N THR A 295 -1.52 -19.73 -36.73
CA THR A 295 -2.29 -20.57 -37.62
C THR A 295 -2.64 -19.77 -38.88
N LYS A 296 -2.91 -20.46 -39.98
CA LYS A 296 -3.26 -19.78 -41.23
C LYS A 296 -4.42 -18.82 -41.07
N ILE A 297 -4.27 -17.63 -41.63
CA ILE A 297 -5.31 -16.59 -41.56
C ILE A 297 -6.16 -16.59 -42.82
N THR B 24 36.76 -25.42 -4.89
CA THR B 24 35.60 -25.69 -5.78
C THR B 24 34.50 -26.46 -5.04
N ILE B 25 33.27 -26.00 -5.16
CA ILE B 25 32.14 -26.68 -4.52
C ILE B 25 31.30 -27.33 -5.60
N GLY B 26 30.93 -28.58 -5.39
CA GLY B 26 30.12 -29.27 -6.37
C GLY B 26 28.65 -29.06 -6.08
N LEU B 27 27.88 -28.73 -7.11
CA LEU B 27 26.46 -28.51 -6.97
C LEU B 27 25.74 -29.68 -7.67
N ILE B 28 25.12 -30.54 -6.87
CA ILE B 28 24.44 -31.70 -7.42
C ILE B 28 22.96 -31.41 -7.63
N GLN B 29 22.55 -31.31 -8.90
CA GLN B 29 21.16 -31.07 -9.29
C GLN B 29 20.56 -32.46 -9.48
N LYS B 30 19.26 -32.61 -9.24
CA LYS B 30 18.65 -33.92 -9.41
C LYS B 30 18.70 -34.32 -10.88
N SER B 31 18.65 -33.33 -11.76
CA SER B 31 18.69 -33.56 -13.20
C SER B 31 19.02 -32.26 -13.94
N SER B 32 19.68 -32.38 -15.08
CA SER B 32 20.03 -31.20 -15.87
C SER B 32 19.01 -31.06 -17.00
N ALA B 33 17.99 -31.90 -16.99
CA ALA B 33 16.94 -31.87 -18.02
C ALA B 33 16.23 -30.50 -18.03
N PRO B 34 15.87 -30.01 -19.22
CA PRO B 34 15.20 -28.73 -19.42
C PRO B 34 14.11 -28.36 -18.40
N GLU B 35 13.15 -29.26 -18.18
CA GLU B 35 12.06 -28.99 -17.24
C GLU B 35 12.57 -28.72 -15.83
N ILE B 36 13.76 -29.22 -15.51
CA ILE B 36 14.32 -29.01 -14.19
C ILE B 36 15.27 -27.82 -14.13
N ARG B 37 16.26 -27.79 -15.00
CA ARG B 37 17.21 -26.69 -14.98
C ARG B 37 16.57 -25.34 -15.27
N GLN B 38 15.49 -25.33 -16.05
CA GLN B 38 14.82 -24.08 -16.37
C GLN B 38 13.90 -23.56 -15.25
N ASN B 39 13.75 -24.33 -14.18
CA ASN B 39 12.90 -23.91 -13.05
C ASN B 39 13.60 -22.71 -12.40
N PRO B 40 12.86 -21.62 -12.16
CA PRO B 40 13.42 -20.40 -11.55
C PRO B 40 14.12 -20.69 -10.21
N PHE B 41 13.64 -21.72 -9.53
CA PHE B 41 14.22 -22.11 -8.25
C PHE B 41 15.72 -22.37 -8.39
N ASN B 42 16.09 -23.09 -9.44
CA ASN B 42 17.50 -23.40 -9.67
C ASN B 42 18.31 -22.14 -9.88
N SER B 43 17.80 -21.23 -10.69
CA SER B 43 18.49 -19.98 -10.96
C SER B 43 18.75 -19.19 -9.68
N ASP B 44 17.71 -19.00 -8.87
CA ASP B 44 17.81 -18.24 -7.62
C ASP B 44 18.72 -18.86 -6.57
N VAL B 45 18.60 -20.17 -6.38
CA VAL B 45 19.43 -20.84 -5.39
C VAL B 45 20.90 -20.75 -5.81
N LEU B 46 21.16 -20.90 -7.10
CA LEU B 46 22.51 -20.82 -7.64
C LEU B 46 23.09 -19.42 -7.46
N ASN B 47 22.24 -18.40 -7.67
CA ASN B 47 22.68 -17.02 -7.52
C ASN B 47 23.11 -16.80 -6.07
N GLY B 48 22.35 -17.36 -5.14
CA GLY B 48 22.68 -17.22 -3.73
C GLY B 48 24.02 -17.84 -3.40
N ILE B 49 24.22 -19.06 -3.90
CA ILE B 49 25.47 -19.77 -3.69
C ILE B 49 26.67 -19.03 -4.32
N ASN B 50 26.49 -18.50 -5.51
CA ASN B 50 27.57 -17.77 -6.19
C ASN B 50 27.94 -16.52 -5.41
N GLN B 51 26.95 -15.90 -4.78
CA GLN B 51 27.16 -14.70 -3.99
C GLN B 51 28.09 -15.00 -2.82
N ALA B 52 27.87 -16.15 -2.19
CA ALA B 52 28.70 -16.55 -1.05
C ALA B 52 30.09 -17.03 -1.46
N CYS B 53 30.15 -17.89 -2.48
CA CYS B 53 31.43 -18.42 -2.94
C CYS B 53 32.38 -17.39 -3.56
N ASN B 54 31.84 -16.42 -4.29
CA ASN B 54 32.67 -15.40 -4.92
C ASN B 54 33.40 -14.58 -3.87
N VAL B 55 32.67 -14.19 -2.83
CA VAL B 55 33.25 -13.40 -1.74
C VAL B 55 34.31 -14.15 -0.94
N ARG B 56 34.33 -15.48 -1.07
CA ARG B 56 35.32 -16.28 -0.32
C ARG B 56 36.34 -17.02 -1.18
N GLY B 57 36.52 -16.57 -2.41
CA GLY B 57 37.50 -17.21 -3.28
C GLY B 57 37.25 -18.66 -3.64
N TYR B 58 35.99 -19.03 -3.84
CA TYR B 58 35.63 -20.38 -4.22
C TYR B 58 34.97 -20.40 -5.60
N SER B 59 35.31 -21.41 -6.40
CA SER B 59 34.70 -21.51 -7.72
C SER B 59 33.60 -22.55 -7.54
N THR B 60 32.89 -22.88 -8.60
CA THR B 60 31.83 -23.85 -8.46
C THR B 60 31.76 -24.77 -9.65
N ARG B 61 31.14 -25.92 -9.44
CA ARG B 61 30.98 -26.92 -10.50
C ARG B 61 29.60 -27.52 -10.35
N MET B 62 28.88 -27.64 -11.46
CA MET B 62 27.54 -28.20 -11.46
C MET B 62 27.51 -29.52 -12.21
N THR B 63 26.75 -30.48 -11.71
CA THR B 63 26.64 -31.77 -12.37
C THR B 63 25.86 -31.56 -13.66
N VAL B 64 26.07 -32.43 -14.64
CA VAL B 64 25.37 -32.26 -15.90
C VAL B 64 24.52 -33.45 -16.32
N SER B 65 24.50 -34.51 -15.51
CA SER B 65 23.71 -35.69 -15.85
C SER B 65 22.20 -35.44 -15.90
N GLU B 66 21.52 -36.12 -16.81
CA GLU B 66 20.07 -36.00 -16.98
C GLU B 66 19.30 -37.11 -16.28
N ASN B 67 19.99 -38.14 -15.82
CA ASN B 67 19.32 -39.24 -15.13
C ASN B 67 20.15 -39.71 -13.94
N SER B 68 19.47 -40.31 -12.96
CA SER B 68 20.13 -40.77 -11.74
C SER B 68 21.31 -41.72 -11.92
N GLY B 69 21.23 -42.60 -12.91
CA GLY B 69 22.31 -43.55 -13.14
C GLY B 69 23.60 -42.83 -13.51
N ASP B 70 23.48 -41.87 -14.43
CA ASP B 70 24.65 -41.12 -14.85
C ASP B 70 25.12 -40.20 -13.74
N LEU B 71 24.18 -39.61 -13.01
CA LEU B 71 24.53 -38.71 -11.93
C LEU B 71 25.41 -39.42 -10.90
N TYR B 72 25.06 -40.67 -10.58
CA TYR B 72 25.85 -41.43 -9.61
C TYR B 72 27.28 -41.58 -10.11
N HIS B 73 27.44 -42.04 -11.34
CA HIS B 73 28.79 -42.24 -11.87
C HIS B 73 29.52 -40.92 -12.16
N GLU B 74 28.76 -39.85 -12.41
CA GLU B 74 29.35 -38.55 -12.66
C GLU B 74 29.92 -38.03 -11.35
N VAL B 75 29.11 -38.10 -10.29
CA VAL B 75 29.51 -37.64 -8.96
C VAL B 75 30.63 -38.50 -8.42
N LYS B 76 30.60 -39.80 -8.75
CA LYS B 76 31.66 -40.68 -8.30
C LYS B 76 32.96 -40.25 -9.01
N THR B 77 32.89 -40.02 -10.31
CA THR B 77 34.05 -39.59 -11.08
C THR B 77 34.58 -38.28 -10.51
N MET B 78 33.67 -37.45 -10.00
CA MET B 78 34.06 -36.18 -9.41
C MET B 78 34.85 -36.40 -8.13
N ILE B 79 34.37 -37.31 -7.29
CA ILE B 79 35.02 -37.60 -6.02
C ILE B 79 36.40 -38.25 -6.19
N GLN B 80 36.52 -39.16 -7.14
CA GLN B 80 37.80 -39.85 -7.38
C GLN B 80 38.82 -38.96 -8.08
N SER B 81 38.36 -38.10 -8.97
CA SER B 81 39.24 -37.20 -9.70
C SER B 81 39.61 -36.01 -8.82
N LYS B 82 39.00 -35.96 -7.63
CA LYS B 82 39.23 -34.88 -6.68
C LYS B 82 39.13 -33.51 -7.35
N SER B 83 38.09 -33.33 -8.17
CA SER B 83 37.90 -32.06 -8.86
C SER B 83 37.04 -31.12 -8.02
N VAL B 84 36.68 -31.57 -6.81
CA VAL B 84 35.84 -30.76 -5.92
C VAL B 84 36.26 -30.97 -4.46
N ASP B 85 36.01 -29.98 -3.61
CA ASP B 85 36.35 -30.06 -2.18
C ASP B 85 35.15 -30.44 -1.32
N GLY B 86 33.95 -30.10 -1.78
CA GLY B 86 32.74 -30.40 -1.05
C GLY B 86 31.53 -30.30 -1.97
N PHE B 87 30.37 -30.77 -1.50
CA PHE B 87 29.17 -30.73 -2.32
C PHE B 87 27.95 -30.11 -1.63
N ILE B 88 27.07 -29.55 -2.45
CA ILE B 88 25.80 -29.02 -1.97
C ILE B 88 24.79 -29.84 -2.77
N LEU B 89 23.93 -30.56 -2.07
CA LEU B 89 22.92 -31.40 -2.71
C LEU B 89 21.70 -30.49 -2.85
N LEU B 90 21.34 -30.16 -4.10
CA LEU B 90 20.23 -29.26 -4.34
C LEU B 90 18.84 -29.89 -4.35
N TYR B 91 18.69 -31.01 -3.65
CA TYR B 91 17.41 -31.69 -3.56
C TYR B 91 17.55 -32.72 -2.44
N SER B 92 16.43 -33.30 -2.06
CA SER B 92 16.43 -34.33 -1.03
C SER B 92 15.56 -35.49 -1.53
N LEU B 93 16.07 -36.70 -1.43
CA LEU B 93 15.34 -37.89 -1.89
C LEU B 93 15.56 -39.08 -0.96
N LYS B 94 14.47 -39.68 -0.49
CA LYS B 94 14.58 -40.83 0.41
C LYS B 94 15.33 -41.96 -0.28
N ASP B 95 16.27 -42.57 0.46
CA ASP B 95 17.09 -43.66 -0.06
C ASP B 95 17.85 -43.28 -1.31
N ASP B 96 18.37 -42.06 -1.32
CA ASP B 96 19.12 -41.55 -2.46
C ASP B 96 20.49 -42.23 -2.59
N PRO B 97 20.75 -42.84 -3.74
CA PRO B 97 22.05 -43.51 -3.96
C PRO B 97 23.19 -42.50 -3.79
N ILE B 98 22.98 -41.26 -4.21
CA ILE B 98 24.00 -40.21 -4.11
C ILE B 98 24.45 -39.95 -2.68
N GLU B 99 23.53 -39.97 -1.73
CA GLU B 99 23.92 -39.75 -0.34
C GLU B 99 24.71 -40.93 0.20
N HIS B 100 24.36 -42.15 -0.24
CA HIS B 100 25.11 -43.31 0.22
C HIS B 100 26.53 -43.18 -0.32
N LEU B 101 26.64 -42.76 -1.59
CA LEU B 101 27.93 -42.58 -2.25
C LEU B 101 28.83 -41.59 -1.50
N LEU B 102 28.30 -40.40 -1.25
CA LEU B 102 29.05 -39.36 -0.53
C LEU B 102 29.50 -39.81 0.86
N ASN B 103 28.67 -40.57 1.55
CA ASN B 103 29.01 -41.06 2.87
C ASN B 103 30.04 -42.19 2.83
N GLU B 104 29.96 -43.03 1.79
CA GLU B 104 30.90 -44.14 1.64
C GLU B 104 32.31 -43.57 1.43
N PHE B 105 32.40 -42.47 0.71
CA PHE B 105 33.69 -41.85 0.45
C PHE B 105 34.00 -40.70 1.40
N LYS B 106 33.26 -40.65 2.51
CA LYS B 106 33.44 -39.61 3.52
C LYS B 106 33.70 -38.21 2.98
N VAL B 107 32.83 -37.72 2.11
CA VAL B 107 33.01 -36.39 1.55
C VAL B 107 32.11 -35.39 2.28
N PRO B 108 32.57 -34.13 2.41
CA PRO B 108 31.74 -33.14 3.11
C PRO B 108 30.59 -32.69 2.22
N TYR B 109 29.40 -32.55 2.79
CA TYR B 109 28.25 -32.10 2.00
C TYR B 109 27.10 -31.68 2.89
N LEU B 110 26.16 -30.94 2.32
CA LEU B 110 24.98 -30.52 3.04
C LEU B 110 23.83 -30.55 2.06
N ILE B 111 22.62 -30.49 2.59
CA ILE B 111 21.45 -30.59 1.72
C ILE B 111 20.57 -29.36 1.74
N VAL B 112 20.01 -29.02 0.58
CA VAL B 112 19.08 -27.91 0.50
C VAL B 112 17.75 -28.68 0.41
N GLY B 113 17.16 -28.88 1.59
CA GLY B 113 15.92 -29.64 1.72
C GLY B 113 16.00 -30.43 3.01
N LYS B 114 15.18 -31.48 3.15
CA LYS B 114 15.18 -32.29 4.37
C LYS B 114 16.22 -33.39 4.34
N SER B 115 16.78 -33.73 5.50
CA SER B 115 17.75 -34.80 5.60
C SER B 115 16.96 -36.05 5.98
N LEU B 116 16.88 -37.03 5.10
CA LEU B 116 16.11 -38.23 5.40
C LEU B 116 16.88 -39.53 5.46
N ASN B 117 18.16 -39.51 5.07
CA ASN B 117 18.92 -40.75 5.02
C ASN B 117 20.05 -40.96 6.01
N TYR B 118 20.73 -39.88 6.38
CA TYR B 118 21.81 -39.99 7.34
C TYR B 118 21.61 -38.96 8.44
N GLU B 119 21.84 -39.38 9.68
CA GLU B 119 21.65 -38.47 10.81
C GLU B 119 22.79 -37.45 10.89
N ASN B 120 22.55 -36.39 11.64
CA ASN B 120 23.53 -35.33 11.87
C ASN B 120 24.07 -34.65 10.60
N ILE B 121 23.29 -34.66 9.53
CA ILE B 121 23.71 -34.02 8.30
C ILE B 121 23.14 -32.60 8.26
N ILE B 122 23.96 -31.62 7.86
CA ILE B 122 23.51 -30.24 7.78
C ILE B 122 22.53 -30.08 6.64
N HIS B 123 21.40 -29.41 6.91
CA HIS B 123 20.42 -29.17 5.86
C HIS B 123 19.72 -27.82 6.03
N ILE B 124 19.58 -27.11 4.93
CA ILE B 124 18.94 -25.81 4.90
C ILE B 124 17.69 -26.00 4.06
N ASP B 125 16.55 -25.59 4.58
CA ASP B 125 15.29 -25.82 3.89
C ASP B 125 14.21 -24.88 4.40
N ASN B 126 13.05 -24.90 3.73
CA ASN B 126 11.89 -24.11 4.15
C ASN B 126 11.08 -25.17 4.89
N ASP B 127 10.14 -24.74 5.72
CA ASP B 127 9.27 -25.70 6.40
C ASP B 127 8.14 -25.87 5.38
N ASN B 128 8.34 -26.77 4.43
CA ASN B 128 7.36 -26.96 3.36
C ASN B 128 6.00 -27.49 3.78
N ILE B 129 5.95 -28.25 4.86
CA ILE B 129 4.69 -28.75 5.37
C ILE B 129 3.92 -27.52 5.85
N ASP B 130 4.60 -26.64 6.59
CA ASP B 130 3.97 -25.43 7.11
C ASP B 130 3.57 -24.49 5.99
N ALA B 131 4.47 -24.33 5.01
CA ALA B 131 4.20 -23.46 3.87
C ALA B 131 2.91 -23.89 3.20
N ALA B 132 2.73 -25.20 3.04
CA ALA B 132 1.53 -25.73 2.40
C ALA B 132 0.30 -25.58 3.31
N TYR B 133 0.50 -25.82 4.61
CA TYR B 133 -0.60 -25.69 5.57
C TYR B 133 -1.11 -24.24 5.52
N GLN B 134 -0.20 -23.28 5.57
CA GLN B 134 -0.56 -21.86 5.52
C GLN B 134 -1.27 -21.47 4.22
N LEU B 135 -0.81 -21.99 3.09
CA LEU B 135 -1.42 -21.66 1.82
C LEU B 135 -2.87 -22.13 1.78
N THR B 136 -3.09 -23.38 2.17
CA THR B 136 -4.43 -23.94 2.14
C THR B 136 -5.31 -23.14 3.09
N GLN B 137 -4.77 -22.80 4.27
CA GLN B 137 -5.50 -22.02 5.26
C GLN B 137 -5.95 -20.69 4.66
N TYR B 138 -5.03 -20.01 3.96
CA TYR B 138 -5.33 -18.73 3.32
C TYR B 138 -6.49 -18.90 2.35
N LEU B 139 -6.45 -19.96 1.56
CA LEU B 139 -7.51 -20.21 0.59
C LEU B 139 -8.84 -20.51 1.27
N TYR B 140 -8.78 -21.27 2.37
CA TYR B 140 -9.98 -21.62 3.11
C TYR B 140 -10.66 -20.33 3.56
N HIS B 141 -9.86 -19.41 4.10
CA HIS B 141 -10.40 -18.15 4.58
C HIS B 141 -10.91 -17.22 3.48
N LEU B 142 -10.64 -17.59 2.24
CA LEU B 142 -11.14 -16.80 1.10
C LEU B 142 -12.53 -17.32 0.79
N GLY B 143 -12.86 -18.48 1.37
CA GLY B 143 -14.17 -19.07 1.16
C GLY B 143 -14.15 -20.39 0.44
N HIS B 144 -12.94 -20.87 0.11
CA HIS B 144 -12.79 -22.13 -0.58
C HIS B 144 -13.04 -23.33 0.31
N ARG B 145 -13.85 -24.27 -0.18
CA ARG B 145 -14.15 -25.48 0.57
C ARG B 145 -13.80 -26.73 -0.22
N HIS B 146 -13.70 -26.59 -1.54
CA HIS B 146 -13.34 -27.70 -2.42
C HIS B 146 -12.01 -27.36 -3.10
N ILE B 147 -10.92 -27.85 -2.54
CA ILE B 147 -9.58 -27.56 -3.06
C ILE B 147 -8.90 -28.81 -3.57
N LEU B 148 -8.29 -28.71 -4.74
CA LEU B 148 -7.57 -29.82 -5.36
C LEU B 148 -6.07 -29.52 -5.36
N PHE B 149 -5.27 -30.49 -4.94
CA PHE B 149 -3.83 -30.32 -4.90
C PHE B 149 -3.20 -31.17 -6.01
N LEU B 150 -2.52 -30.53 -6.94
CA LEU B 150 -1.86 -31.25 -8.03
C LEU B 150 -0.40 -31.43 -7.64
N GLN B 151 -0.01 -32.68 -7.54
CA GLN B 151 1.34 -33.07 -7.12
C GLN B 151 2.21 -33.44 -8.33
N GLU B 152 3.46 -32.98 -8.34
CA GLU B 152 4.33 -33.32 -9.44
C GLU B 152 4.85 -34.74 -9.22
N SER B 153 5.05 -35.46 -10.32
CA SER B 153 5.55 -36.82 -10.27
C SER B 153 6.88 -36.87 -9.55
N GLY B 154 7.23 -38.05 -9.04
CA GLY B 154 8.48 -38.19 -8.34
C GLY B 154 8.25 -38.38 -6.87
N HIS B 155 9.28 -38.73 -6.13
CA HIS B 155 9.14 -38.96 -4.70
C HIS B 155 10.00 -38.02 -3.88
N TYR B 156 10.39 -36.89 -4.45
CA TYR B 156 11.24 -35.94 -3.73
C TYR B 156 10.58 -35.41 -2.48
N ALA B 157 11.40 -35.23 -1.44
CA ALA B 157 10.96 -34.76 -0.14
C ALA B 157 10.11 -33.49 -0.14
N VAL B 158 10.52 -32.48 -0.92
CA VAL B 158 9.79 -31.23 -0.95
C VAL B 158 8.32 -31.37 -1.39
N THR B 159 8.10 -32.17 -2.43
CA THR B 159 6.74 -32.40 -2.95
C THR B 159 5.90 -33.16 -1.93
N GLU B 160 6.54 -34.12 -1.29
CA GLU B 160 5.86 -34.91 -0.27
C GLU B 160 5.51 -34.02 0.93
N ASP B 161 6.42 -33.15 1.33
CA ASP B 161 6.17 -32.25 2.46
C ASP B 161 5.00 -31.34 2.18
N ARG B 162 4.90 -30.83 0.94
CA ARG B 162 3.80 -29.93 0.62
C ARG B 162 2.45 -30.64 0.56
N SER B 163 2.44 -31.88 0.10
CA SER B 163 1.19 -32.62 0.04
C SER B 163 0.70 -32.94 1.48
N VAL B 164 1.65 -33.24 2.37
CA VAL B 164 1.32 -33.53 3.77
C VAL B 164 0.71 -32.32 4.48
N GLY B 165 1.29 -31.14 4.25
CA GLY B 165 0.77 -29.93 4.85
C GLY B 165 -0.64 -29.65 4.38
N PHE B 166 -0.87 -29.85 3.09
CA PHE B 166 -2.18 -29.65 2.49
C PHE B 166 -3.22 -30.58 3.11
N LYS B 167 -2.91 -31.87 3.19
CA LYS B 167 -3.85 -32.81 3.75
C LYS B 167 -4.04 -32.61 5.26
N GLN B 168 -3.00 -32.10 5.92
CA GLN B 168 -3.05 -31.84 7.36
C GLN B 168 -4.09 -30.75 7.65
N TYR B 169 -4.08 -29.68 6.86
CA TYR B 169 -5.06 -28.61 7.05
C TYR B 169 -6.46 -29.10 6.70
N CYS B 170 -6.59 -29.77 5.56
CA CYS B 170 -7.89 -30.28 5.15
C CYS B 170 -8.52 -31.14 6.24
N ASP B 171 -7.72 -31.94 6.93
CA ASP B 171 -8.26 -32.78 8.01
C ASP B 171 -8.62 -31.95 9.24
N ASP B 172 -7.90 -30.85 9.44
CA ASP B 172 -8.14 -29.98 10.59
C ASP B 172 -9.47 -29.23 10.49
N VAL B 173 -9.88 -28.88 9.27
CA VAL B 173 -11.13 -28.16 9.07
C VAL B 173 -12.22 -29.00 8.40
N LYS B 174 -11.93 -30.29 8.25
CA LYS B 174 -12.87 -31.25 7.67
C LYS B 174 -13.40 -30.97 6.26
N ILE B 175 -12.50 -30.75 5.32
CA ILE B 175 -12.89 -30.55 3.94
C ILE B 175 -12.22 -31.65 3.13
N SER B 176 -12.65 -31.84 1.88
CA SER B 176 -12.05 -32.87 1.04
C SER B 176 -10.54 -32.64 0.86
N ASN B 177 -9.79 -33.71 0.67
CA ASN B 177 -8.34 -33.63 0.53
C ASN B 177 -7.81 -34.24 -0.76
N ASP B 178 -8.50 -34.04 -1.88
CA ASP B 178 -8.06 -34.59 -3.16
C ASP B 178 -6.64 -34.21 -3.52
N CYS B 179 -5.78 -35.22 -3.60
CA CYS B 179 -4.38 -35.03 -3.92
C CYS B 179 -4.09 -35.93 -5.13
N VAL B 180 -3.76 -35.31 -6.27
CA VAL B 180 -3.48 -36.08 -7.48
C VAL B 180 -2.08 -35.88 -8.05
N VAL B 181 -1.40 -36.98 -8.35
CA VAL B 181 -0.06 -36.94 -8.92
C VAL B 181 -0.16 -36.89 -10.44
N ILE B 182 0.37 -35.85 -11.09
CA ILE B 182 0.34 -35.65 -12.53
C ILE B 182 1.63 -36.20 -13.14
N LYS B 183 1.47 -37.16 -14.03
CA LYS B 183 2.62 -37.81 -14.65
C LYS B 183 3.05 -37.14 -15.94
N SER B 184 2.08 -36.55 -16.65
CA SER B 184 2.39 -35.91 -17.93
C SER B 184 1.37 -34.85 -18.31
N MET B 185 1.67 -34.13 -19.39
CA MET B 185 0.79 -33.10 -19.89
C MET B 185 -0.53 -33.72 -20.35
N ASN B 186 -0.45 -34.92 -20.93
CA ASN B 186 -1.65 -35.60 -21.40
C ASN B 186 -2.46 -36.11 -20.22
N ASP B 187 -1.77 -36.57 -19.19
CA ASP B 187 -2.44 -37.06 -18.00
C ASP B 187 -3.16 -35.88 -17.35
N LEU B 188 -2.57 -34.69 -17.48
CA LEU B 188 -3.15 -33.48 -16.90
C LEU B 188 -4.42 -33.13 -17.67
N ARG B 189 -4.37 -33.23 -18.99
CA ARG B 189 -5.53 -32.92 -19.81
C ARG B 189 -6.70 -33.84 -19.48
N ASP B 190 -6.44 -35.14 -19.54
CA ASP B 190 -7.47 -36.12 -19.27
C ASP B 190 -8.06 -35.98 -17.88
N PHE B 191 -7.28 -35.42 -16.96
CA PHE B 191 -7.77 -35.23 -15.60
C PHE B 191 -8.59 -33.96 -15.49
N ILE B 192 -8.45 -33.09 -16.50
CA ILE B 192 -9.17 -31.82 -16.54
C ILE B 192 -8.71 -30.88 -15.43
N MET B 202 -16.75 -29.77 -9.26
CA MET B 202 -15.49 -29.13 -9.66
C MET B 202 -14.90 -28.34 -8.50
N PRO B 203 -13.58 -28.45 -8.30
CA PRO B 203 -12.97 -27.69 -7.21
C PRO B 203 -13.05 -26.21 -7.54
N SER B 204 -13.00 -25.37 -6.52
CA SER B 204 -13.08 -23.93 -6.72
C SER B 204 -11.68 -23.32 -6.89
N VAL B 205 -10.68 -24.06 -6.46
CA VAL B 205 -9.30 -23.61 -6.55
C VAL B 205 -8.36 -24.81 -6.66
N ILE B 206 -7.28 -24.65 -7.42
CA ILE B 206 -6.31 -25.73 -7.59
C ILE B 206 -4.95 -25.25 -7.16
N ILE B 207 -4.29 -26.05 -6.33
CA ILE B 207 -2.96 -25.74 -5.85
C ILE B 207 -2.00 -26.68 -6.58
N THR B 208 -0.91 -26.15 -7.11
CA THR B 208 0.08 -27.01 -7.77
C THR B 208 1.33 -26.96 -6.89
N SER B 209 2.00 -28.10 -6.74
CA SER B 209 3.18 -28.19 -5.89
C SER B 209 4.40 -27.41 -6.40
N ASP B 210 4.41 -27.06 -7.67
CA ASP B 210 5.53 -26.29 -8.22
C ASP B 210 5.13 -25.48 -9.45
N VAL B 211 5.84 -24.38 -9.68
CA VAL B 211 5.57 -23.47 -10.77
C VAL B 211 5.58 -24.07 -12.19
N MET B 212 6.46 -25.03 -12.44
CA MET B 212 6.50 -25.63 -13.78
C MET B 212 5.22 -26.43 -14.06
N LEU B 213 4.76 -27.18 -13.06
CA LEU B 213 3.50 -27.91 -13.21
C LEU B 213 2.39 -26.87 -13.31
N ASN B 214 2.55 -25.74 -12.62
CA ASN B 214 1.52 -24.71 -12.66
C ASN B 214 1.37 -24.15 -14.09
N MET B 215 2.48 -23.96 -14.79
CA MET B 215 2.43 -23.43 -16.16
C MET B 215 1.60 -24.37 -17.04
N GLN B 216 1.80 -25.66 -16.85
CA GLN B 216 1.08 -26.66 -17.62
C GLN B 216 -0.40 -26.65 -17.28
N LEU B 217 -0.70 -26.41 -16.01
CA LEU B 217 -2.09 -26.34 -15.59
C LEU B 217 -2.78 -25.13 -16.25
N LEU B 218 -2.12 -23.97 -16.25
CA LEU B 218 -2.71 -22.78 -16.86
C LEU B 218 -2.94 -22.99 -18.35
N ASN B 219 -2.04 -23.73 -18.98
CA ASN B 219 -2.14 -24.01 -20.40
C ASN B 219 -3.42 -24.80 -20.67
N VAL B 220 -3.61 -25.88 -19.91
CA VAL B 220 -4.78 -26.73 -20.06
C VAL B 220 -6.10 -26.03 -19.72
N LEU B 221 -6.09 -25.18 -18.70
CA LEU B 221 -7.30 -24.47 -18.33
C LEU B 221 -7.67 -23.47 -19.43
N TYR B 222 -6.67 -22.91 -20.08
CA TYR B 222 -6.90 -21.95 -21.17
C TYR B 222 -7.47 -22.72 -22.38
N GLU B 223 -6.97 -23.92 -22.60
CA GLU B 223 -7.45 -24.75 -23.70
C GLU B 223 -8.92 -25.09 -23.50
N TYR B 224 -9.31 -25.34 -22.25
CA TYR B 224 -10.70 -25.68 -21.94
C TYR B 224 -11.54 -24.48 -21.53
N GLN B 225 -11.03 -23.30 -21.83
CA GLN B 225 -11.70 -22.03 -21.55
C GLN B 225 -12.20 -21.79 -20.12
N LEU B 226 -11.41 -22.19 -19.13
CA LEU B 226 -11.78 -21.97 -17.75
C LEU B 226 -11.04 -20.70 -17.30
N ARG B 227 -11.76 -19.59 -17.28
CA ARG B 227 -11.21 -18.29 -16.90
C ARG B 227 -10.76 -18.24 -15.43
N ILE B 228 -9.63 -17.59 -15.20
CA ILE B 228 -9.08 -17.45 -13.85
C ILE B 228 -9.09 -15.96 -13.54
N PRO B 229 -9.64 -15.57 -12.37
CA PRO B 229 -10.23 -16.40 -11.32
C PRO B 229 -11.75 -16.61 -11.40
N GLU B 230 -12.39 -16.06 -12.44
CA GLU B 230 -13.84 -16.19 -12.58
C GLU B 230 -14.38 -17.62 -12.53
N ASP B 231 -13.85 -18.49 -13.38
CA ASP B 231 -14.33 -19.87 -13.43
C ASP B 231 -13.61 -20.79 -12.47
N ILE B 232 -12.37 -20.44 -12.14
CA ILE B 232 -11.56 -21.25 -11.24
C ILE B 232 -10.33 -20.47 -10.82
N GLN B 233 -9.85 -20.75 -9.61
CA GLN B 233 -8.68 -20.07 -9.09
C GLN B 233 -7.52 -21.06 -9.02
N THR B 234 -6.31 -20.52 -8.90
CA THR B 234 -5.12 -21.36 -8.86
C THR B 234 -4.08 -20.70 -7.96
N ALA B 235 -3.22 -21.51 -7.37
CA ALA B 235 -2.16 -21.02 -6.52
C ALA B 235 -1.02 -22.03 -6.62
N THR B 236 0.22 -21.58 -6.43
CA THR B 236 1.34 -22.50 -6.52
C THR B 236 2.46 -22.16 -5.55
N PHE B 237 3.61 -22.79 -5.71
CA PHE B 237 4.74 -22.53 -4.83
C PHE B 237 5.91 -21.92 -5.61
N ASN B 238 6.71 -21.11 -4.92
CA ASN B 238 7.87 -20.45 -5.52
C ASN B 238 7.51 -19.23 -6.36
N THR B 239 7.68 -18.05 -5.79
CA THR B 239 7.38 -16.83 -6.50
C THR B 239 8.59 -16.52 -7.38
N SER B 240 8.32 -16.00 -8.58
CA SER B 240 9.37 -15.67 -9.52
C SER B 240 8.74 -14.92 -10.70
N PHE B 241 9.56 -14.60 -11.69
CA PHE B 241 9.05 -13.89 -12.87
C PHE B 241 7.94 -14.69 -13.51
N LEU B 242 8.06 -16.01 -13.44
CA LEU B 242 7.04 -16.88 -14.03
C LEU B 242 5.68 -16.78 -13.37
N THR B 243 5.64 -16.66 -12.04
CA THR B 243 4.34 -16.56 -11.36
C THR B 243 3.80 -15.15 -11.47
N GLU B 244 4.67 -14.15 -11.39
CA GLU B 244 4.25 -12.75 -11.48
C GLU B 244 3.71 -12.39 -12.87
N ASN B 245 4.27 -13.01 -13.90
CA ASN B 245 3.85 -12.73 -15.26
C ASN B 245 3.12 -13.89 -15.93
N ALA B 246 2.59 -14.80 -15.12
CA ALA B 246 1.86 -15.94 -15.66
C ALA B 246 0.54 -15.43 -16.22
N THR B 247 -0.26 -16.35 -16.74
CA THR B 247 -1.55 -16.03 -17.34
C THR B 247 -2.72 -16.64 -16.57
N PRO B 248 -3.27 -15.91 -15.59
CA PRO B 248 -2.91 -14.56 -15.11
C PRO B 248 -1.87 -14.70 -14.01
N SER B 249 -1.46 -13.58 -13.42
CA SER B 249 -0.47 -13.60 -12.34
C SER B 249 -0.95 -14.55 -11.25
N GLN B 250 -0.01 -15.38 -10.77
CA GLN B 250 -0.33 -16.40 -9.78
C GLN B 250 -0.04 -16.10 -8.34
N THR B 251 -1.01 -16.39 -7.49
CA THR B 251 -0.83 -16.23 -6.06
C THR B 251 0.12 -17.38 -5.75
N SER B 252 1.16 -17.12 -4.98
CA SER B 252 2.14 -18.16 -4.70
C SER B 252 2.87 -17.96 -3.40
N VAL B 253 3.57 -19.00 -2.99
CA VAL B 253 4.35 -18.98 -1.76
C VAL B 253 5.79 -18.61 -2.11
N ASN B 254 6.29 -17.53 -1.51
CA ASN B 254 7.66 -17.10 -1.72
C ASN B 254 8.47 -17.94 -0.74
N ILE B 255 9.40 -18.74 -1.26
CA ILE B 255 10.22 -19.58 -0.40
C ILE B 255 11.62 -19.00 -0.21
N ASN B 256 11.83 -17.79 -0.71
CA ASN B 256 13.13 -17.12 -0.57
C ASN B 256 14.31 -18.01 -0.93
N PRO B 257 14.36 -18.49 -2.17
CA PRO B 257 15.45 -19.35 -2.61
C PRO B 257 16.82 -18.66 -2.60
N ASP B 258 16.82 -17.34 -2.71
CA ASP B 258 18.09 -16.61 -2.69
C ASP B 258 18.76 -16.83 -1.34
N VAL B 259 17.96 -16.78 -0.28
CA VAL B 259 18.47 -16.97 1.07
C VAL B 259 18.93 -18.42 1.28
N LEU B 260 18.20 -19.38 0.70
CA LEU B 260 18.58 -20.78 0.84
C LEU B 260 19.96 -20.98 0.26
N GLY B 261 20.19 -20.43 -0.93
CA GLY B 261 21.47 -20.57 -1.57
C GLY B 261 22.62 -19.89 -0.83
N PHE B 262 22.42 -18.63 -0.44
CA PHE B 262 23.43 -17.88 0.28
C PHE B 262 23.84 -18.62 1.56
N THR B 263 22.83 -19.13 2.25
CA THR B 263 23.05 -19.88 3.48
C THR B 263 23.81 -21.17 3.18
N ALA B 264 23.38 -21.88 2.14
CA ALA B 264 24.03 -23.13 1.77
C ALA B 264 25.47 -22.89 1.37
N GLY B 265 25.71 -21.79 0.65
CA GLY B 265 27.06 -21.49 0.22
C GLY B 265 27.99 -21.19 1.39
N ASN B 266 27.54 -20.34 2.29
CA ASN B 266 28.34 -19.97 3.46
C ASN B 266 28.58 -21.14 4.40
N THR B 267 27.52 -21.90 4.68
CA THR B 267 27.63 -23.03 5.59
C THR B 267 28.59 -24.13 5.14
N ILE B 268 28.64 -24.45 3.85
CA ILE B 268 29.55 -25.50 3.41
C ILE B 268 31.00 -25.02 3.39
N ILE B 269 31.19 -23.70 3.23
CA ILE B 269 32.53 -23.14 3.23
C ILE B 269 33.04 -23.26 4.67
N ASP B 270 32.14 -22.99 5.61
CA ASP B 270 32.44 -23.07 7.03
C ASP B 270 32.89 -24.49 7.37
N VAL B 271 32.18 -25.48 6.81
CA VAL B 271 32.50 -26.88 7.05
C VAL B 271 33.91 -27.21 6.58
N LEU B 272 34.22 -26.89 5.32
CA LEU B 272 35.55 -27.18 4.79
C LEU B 272 36.62 -26.38 5.54
N ARG B 273 37.16 -26.98 6.60
CA ARG B 273 38.18 -26.33 7.42
C ARG B 273 37.72 -24.94 7.88
N ARG B 280 22.80 -29.97 12.29
CA ARG B 280 22.14 -28.67 12.38
C ARG B 280 21.13 -28.45 11.24
N GLU B 281 19.99 -27.87 11.59
CA GLU B 281 18.93 -27.60 10.62
C GLU B 281 18.55 -26.11 10.62
N LYS B 282 18.77 -25.45 9.50
CA LYS B 282 18.45 -24.03 9.36
C LYS B 282 17.23 -23.91 8.44
N LEU B 283 16.14 -23.37 8.97
CA LEU B 283 14.92 -23.20 8.19
C LEU B 283 14.75 -21.75 7.73
N ILE B 284 14.36 -21.56 6.48
CA ILE B 284 14.13 -20.24 5.91
C ILE B 284 12.62 -20.03 5.84
N SER B 285 12.16 -18.86 6.26
CA SER B 285 10.72 -18.54 6.26
C SER B 285 10.10 -18.43 4.87
N THR B 286 8.77 -18.41 4.82
CA THR B 286 8.06 -18.29 3.55
C THR B 286 6.91 -17.31 3.75
N GLN B 287 6.45 -16.74 2.64
CA GLN B 287 5.36 -15.79 2.68
C GLN B 287 4.44 -15.99 1.50
N ILE B 288 3.17 -15.67 1.69
CA ILE B 288 2.18 -15.79 0.63
C ILE B 288 2.10 -14.48 -0.16
N VAL B 289 2.26 -14.58 -1.48
CA VAL B 289 2.20 -13.41 -2.35
C VAL B 289 0.88 -13.49 -3.10
N GLU B 290 -0.02 -12.59 -2.74
CA GLU B 290 -1.36 -12.54 -3.32
C GLU B 290 -1.35 -11.91 -4.69
N ARG B 291 -1.99 -12.58 -5.64
CA ARG B 291 -2.05 -12.04 -7.00
C ARG B 291 -3.44 -12.23 -7.59
N VAL B 292 -3.53 -12.07 -8.91
CA VAL B 292 -4.80 -12.17 -9.61
C VAL B 292 -5.51 -13.53 -9.56
N SER B 293 -4.75 -14.62 -9.53
CA SER B 293 -5.32 -15.96 -9.55
C SER B 293 -6.20 -16.37 -8.37
N THR B 294 -6.19 -15.63 -7.28
CA THR B 294 -7.06 -15.94 -6.14
C THR B 294 -7.85 -14.71 -5.71
N THR B 295 -9.03 -14.92 -5.14
CA THR B 295 -9.87 -13.81 -4.67
C THR B 295 -11.02 -14.35 -3.81
N LYS B 296 -11.55 -13.50 -2.95
CA LYS B 296 -12.65 -13.88 -2.07
C LYS B 296 -13.80 -14.49 -2.86
N ILE B 297 -14.34 -15.60 -2.35
CA ILE B 297 -15.44 -16.29 -3.01
C ILE B 297 -16.60 -16.51 -2.03
N GLU B 298 -17.83 -16.48 -2.54
CA GLU B 298 -19.00 -16.66 -1.68
C GLU B 298 -19.70 -18.00 -1.99
N LYS C 21 16.61 19.69 19.79
CA LYS C 21 16.71 19.30 21.22
C LYS C 21 15.33 19.21 21.87
N THR C 22 14.44 20.13 21.51
CA THR C 22 13.07 20.13 22.05
C THR C 22 12.13 19.71 20.93
N LEU C 23 12.20 18.42 20.59
CA LEU C 23 11.43 17.79 19.52
C LEU C 23 9.92 18.05 19.56
N THR C 24 9.53 19.31 19.48
CA THR C 24 8.14 19.67 19.51
C THR C 24 7.81 20.60 18.35
N ILE C 25 6.67 20.35 17.71
CA ILE C 25 6.25 21.18 16.59
C ILE C 25 5.14 22.09 17.08
N GLY C 26 5.30 23.39 16.86
CA GLY C 26 4.27 24.32 17.27
C GLY C 26 3.25 24.46 16.16
N LEU C 27 1.97 24.39 16.49
CA LEU C 27 0.90 24.50 15.51
C LEU C 27 0.18 25.84 15.72
N ILE C 28 0.32 26.74 14.76
CA ILE C 28 -0.30 28.05 14.91
C ILE C 28 -1.66 28.17 14.22
N GLN C 29 -2.72 28.27 15.02
CA GLN C 29 -4.07 28.43 14.44
C GLN C 29 -4.34 29.93 14.40
N LYS C 30 -5.16 30.37 13.46
CA LYS C 30 -5.47 31.79 13.37
C LYS C 30 -6.17 32.26 14.65
N SER C 31 -6.94 31.37 15.29
CA SER C 31 -7.64 31.72 16.52
C SER C 31 -8.19 30.50 17.24
N SER C 32 -8.16 30.53 18.56
CA SER C 32 -8.66 29.42 19.36
C SER C 32 -10.15 29.59 19.64
N ALA C 33 -10.74 30.65 19.09
CA ALA C 33 -12.15 30.92 19.29
C ALA C 33 -12.98 29.73 18.80
N PRO C 34 -14.03 29.37 19.56
CA PRO C 34 -14.93 28.25 19.25
C PRO C 34 -15.36 28.15 17.79
N GLU C 35 -15.83 29.24 17.21
CA GLU C 35 -16.28 29.21 15.82
C GLU C 35 -15.16 28.84 14.87
N ILE C 36 -13.92 29.03 15.31
CA ILE C 36 -12.77 28.70 14.49
C ILE C 36 -12.22 27.32 14.81
N ARG C 37 -11.91 27.08 16.07
CA ARG C 37 -11.35 25.81 16.48
C ARG C 37 -12.28 24.62 16.33
N GLN C 38 -13.58 24.86 16.36
CA GLN C 38 -14.54 23.76 16.23
C GLN C 38 -14.78 23.35 14.76
N ASN C 39 -14.16 24.07 13.85
CA ASN C 39 -14.25 23.78 12.41
C ASN C 39 -13.58 22.40 12.26
N PRO C 40 -14.27 21.43 11.64
CA PRO C 40 -13.70 20.09 11.46
C PRO C 40 -12.37 20.08 10.69
N PHE C 41 -12.11 21.15 9.96
CA PHE C 41 -10.85 21.28 9.22
C PHE C 41 -9.69 21.15 10.20
N ASN C 42 -9.81 21.84 11.33
CA ASN C 42 -8.77 21.81 12.35
C ASN C 42 -8.58 20.41 12.91
N SER C 43 -9.68 19.75 13.21
CA SER C 43 -9.64 18.41 13.76
C SER C 43 -8.98 17.45 12.77
N ASP C 44 -9.33 17.59 11.49
CA ASP C 44 -8.78 16.72 10.46
C ASP C 44 -7.30 16.95 10.17
N VAL C 45 -6.90 18.22 10.02
CA VAL C 45 -5.51 18.51 9.76
C VAL C 45 -4.63 18.09 10.93
N LEU C 46 -5.10 18.31 12.15
CA LEU C 46 -4.31 17.93 13.31
C LEU C 46 -4.14 16.42 13.41
N ASN C 47 -5.18 15.68 13.06
CA ASN C 47 -5.12 14.22 13.10
C ASN C 47 -4.02 13.76 12.13
N GLY C 48 -3.99 14.37 10.94
CA GLY C 48 -2.97 14.02 9.96
C GLY C 48 -1.57 14.31 10.51
N ILE C 49 -1.43 15.48 11.13
CA ILE C 49 -0.17 15.92 11.72
C ILE C 49 0.29 14.97 12.82
N ASN C 50 -0.65 14.57 13.68
CA ASN C 50 -0.32 13.65 14.77
C ASN C 50 0.18 12.32 14.22
N GLN C 51 -0.38 11.88 13.10
CA GLN C 51 0.05 10.62 12.50
C GLN C 51 1.52 10.69 12.13
N ALA C 52 1.94 11.80 11.53
CA ALA C 52 3.33 11.96 11.13
C ALA C 52 4.27 12.09 12.32
N CYS C 53 3.98 13.05 13.19
CA CYS C 53 4.79 13.29 14.36
C CYS C 53 5.00 12.07 15.27
N ASN C 54 3.93 11.36 15.59
CA ASN C 54 4.04 10.20 16.46
C ASN C 54 4.99 9.12 15.96
N VAL C 55 4.87 8.77 14.68
CA VAL C 55 5.74 7.73 14.13
C VAL C 55 7.21 8.17 14.08
N ARG C 56 7.46 9.47 14.07
CA ARG C 56 8.82 9.98 14.00
C ARG C 56 9.35 10.64 15.26
N GLY C 57 8.71 10.36 16.39
CA GLY C 57 9.16 10.89 17.67
C GLY C 57 9.04 12.36 18.02
N TYR C 58 8.05 13.05 17.48
CA TYR C 58 7.86 14.46 17.77
C TYR C 58 6.52 14.66 18.46
N SER C 59 6.46 15.61 19.39
CA SER C 59 5.22 15.93 20.09
C SER C 59 4.78 17.29 19.54
N THR C 60 3.67 17.82 20.05
CA THR C 60 3.22 19.11 19.53
C THR C 60 2.75 20.08 20.59
N ARG C 61 2.53 21.31 20.15
CA ARG C 61 2.08 22.38 21.01
C ARG C 61 1.20 23.23 20.10
N MET C 62 0.02 23.61 20.56
CA MET C 62 -0.86 24.43 19.73
C MET C 62 -1.06 25.77 20.41
N THR C 63 -1.23 26.83 19.61
CA THR C 63 -1.44 28.17 20.17
C THR C 63 -2.84 28.24 20.75
N VAL C 64 -3.04 29.06 21.78
CA VAL C 64 -4.35 29.19 22.38
C VAL C 64 -4.95 30.60 22.31
N SER C 65 -4.23 31.56 21.74
CA SER C 65 -4.73 32.93 21.63
C SER C 65 -5.97 33.06 20.76
N GLU C 66 -6.89 33.92 21.18
CA GLU C 66 -8.13 34.15 20.47
C GLU C 66 -8.11 35.36 19.55
N ASN C 67 -7.07 36.20 19.66
CA ASN C 67 -6.97 37.37 18.79
C ASN C 67 -5.53 37.50 18.30
N SER C 68 -5.37 38.20 17.17
CA SER C 68 -4.06 38.36 16.55
C SER C 68 -2.97 39.01 17.40
N GLY C 69 -3.32 40.00 18.20
CA GLY C 69 -2.33 40.63 19.05
C GLY C 69 -1.72 39.66 20.04
N ASP C 70 -2.57 38.95 20.79
CA ASP C 70 -2.07 37.97 21.76
C ASP C 70 -1.31 36.86 21.07
N LEU C 71 -1.76 36.47 19.87
CA LEU C 71 -1.10 35.40 19.13
C LEU C 71 0.36 35.76 18.81
N TYR C 72 0.58 36.99 18.35
CA TYR C 72 1.93 37.45 18.01
C TYR C 72 2.84 37.27 19.21
N HIS C 73 2.42 37.80 20.35
CA HIS C 73 3.22 37.71 21.56
C HIS C 73 3.24 36.30 22.14
N GLU C 74 2.27 35.47 21.78
CA GLU C 74 2.26 34.09 22.26
C GLU C 74 3.34 33.36 21.47
N VAL C 75 3.31 33.52 20.16
CA VAL C 75 4.30 32.90 19.27
C VAL C 75 5.71 33.43 19.55
N LYS C 76 5.82 34.71 19.86
CA LYS C 76 7.12 35.28 20.16
C LYS C 76 7.67 34.66 21.45
N THR C 77 6.81 34.48 22.45
CA THR C 77 7.24 33.88 23.70
C THR C 77 7.66 32.43 23.49
N MET C 78 7.01 31.75 22.55
CA MET C 78 7.36 30.36 22.26
C MET C 78 8.75 30.31 21.64
N ILE C 79 9.03 31.23 20.74
CA ILE C 79 10.32 31.28 20.07
C ILE C 79 11.47 31.62 21.02
N GLN C 80 11.27 32.61 21.89
CA GLN C 80 12.31 33.02 22.83
C GLN C 80 12.50 32.02 23.98
N SER C 81 11.45 31.27 24.28
CA SER C 81 11.51 30.27 25.34
C SER C 81 12.04 28.96 24.77
N LYS C 82 12.16 28.93 23.44
CA LYS C 82 12.65 27.75 22.74
C LYS C 82 11.85 26.53 23.16
N SER C 83 10.53 26.66 23.18
CA SER C 83 9.68 25.55 23.58
C SER C 83 9.27 24.73 22.35
N VAL C 84 9.77 25.14 21.19
CA VAL C 84 9.48 24.46 19.94
C VAL C 84 10.68 24.48 18.98
N ASP C 85 10.78 23.47 18.12
CA ASP C 85 11.88 23.40 17.16
C ASP C 85 11.50 24.01 15.82
N GLY C 86 10.21 23.94 15.48
CA GLY C 86 9.73 24.49 14.22
C GLY C 86 8.23 24.69 14.28
N PHE C 87 7.66 25.40 13.31
CA PHE C 87 6.22 25.68 13.29
C PHE C 87 5.49 25.32 12.01
N ILE C 88 4.20 25.04 12.18
CA ILE C 88 3.32 24.79 11.05
C ILE C 88 2.24 25.89 11.16
N LEU C 89 2.09 26.68 10.12
CA LEU C 89 1.09 27.76 10.11
C LEU C 89 -0.16 27.17 9.47
N LEU C 90 -1.23 27.06 10.26
CA LEU C 90 -2.47 26.47 9.77
C LEU C 90 -3.44 27.42 9.06
N TYR C 91 -2.88 28.41 8.37
CA TYR C 91 -3.68 29.39 7.66
C TYR C 91 -2.70 30.29 6.94
N SER C 92 -3.20 31.10 6.02
CA SER C 92 -2.35 32.03 5.31
C SER C 92 -3.05 33.38 5.27
N LEU C 93 -2.32 34.43 5.57
CA LEU C 93 -2.89 35.77 5.59
C LEU C 93 -1.92 36.76 4.97
N LYS C 94 -2.39 37.53 4.00
CA LYS C 94 -1.56 38.53 3.36
C LYS C 94 -1.05 39.51 4.42
N ASP C 95 0.25 39.78 4.40
CA ASP C 95 0.89 40.71 5.34
C ASP C 95 0.67 40.35 6.79
N ASP C 96 0.78 39.06 7.07
CA ASP C 96 0.59 38.53 8.41
C ASP C 96 1.79 38.83 9.32
N PRO C 97 1.54 39.54 10.44
CA PRO C 97 2.61 39.87 11.38
C PRO C 97 3.39 38.62 11.82
N ILE C 98 2.68 37.51 11.99
CA ILE C 98 3.29 36.26 12.42
C ILE C 98 4.42 35.79 11.51
N GLU C 99 4.23 35.90 10.19
CA GLU C 99 5.26 35.48 9.25
C GLU C 99 6.46 36.40 9.31
N HIS C 100 6.23 37.69 9.56
CA HIS C 100 7.33 38.63 9.68
C HIS C 100 8.13 38.23 10.93
N LEU C 101 7.42 37.89 12.00
CA LEU C 101 8.00 37.47 13.28
C LEU C 101 8.87 36.22 13.09
N LEU C 102 8.28 35.20 12.47
CA LEU C 102 8.99 33.95 12.22
C LEU C 102 10.24 34.18 11.36
N ASN C 103 10.15 35.07 10.37
CA ASN C 103 11.30 35.31 9.51
C ASN C 103 12.35 36.18 10.21
N GLU C 104 11.90 37.15 11.00
CA GLU C 104 12.86 38.00 11.72
C GLU C 104 13.73 37.14 12.62
N PHE C 105 13.16 36.09 13.20
CA PHE C 105 13.91 35.20 14.09
C PHE C 105 14.47 33.93 13.45
N LYS C 106 14.34 33.83 12.13
CA LYS C 106 14.84 32.68 11.39
C LYS C 106 14.45 31.32 11.99
N VAL C 107 13.16 31.16 12.28
CA VAL C 107 12.65 29.91 12.82
C VAL C 107 12.04 29.11 11.68
N PRO C 108 12.35 27.82 11.57
CA PRO C 108 11.79 27.02 10.48
C PRO C 108 10.28 26.92 10.57
N TYR C 109 9.60 27.05 9.44
CA TYR C 109 8.16 26.93 9.41
C TYR C 109 7.65 26.67 8.00
N LEU C 110 6.42 26.19 7.91
CA LEU C 110 5.80 25.93 6.62
C LEU C 110 4.35 26.35 6.75
N ILE C 111 3.67 26.43 5.62
CA ILE C 111 2.29 26.89 5.62
C ILE C 111 1.28 25.91 5.04
N VAL C 112 0.14 25.79 5.70
CA VAL C 112 -0.93 24.96 5.16
C VAL C 112 -1.81 26.03 4.54
N GLY C 113 -1.60 26.25 3.24
CA GLY C 113 -2.34 27.26 2.49
C GLY C 113 -1.36 27.88 1.49
N LYS C 114 -1.72 29.00 0.90
CA LYS C 114 -0.86 29.66 -0.08
C LYS C 114 0.17 30.61 0.55
N SER C 115 1.41 30.56 0.07
CA SER C 115 2.47 31.42 0.59
C SER C 115 2.38 32.78 -0.11
N LEU C 116 2.02 33.82 0.63
CA LEU C 116 1.86 35.14 0.04
C LEU C 116 2.84 36.23 0.48
N ASN C 117 3.59 35.98 1.55
CA ASN C 117 4.48 37.02 2.07
C ASN C 117 5.99 36.89 1.89
N TYR C 118 6.50 35.67 1.94
CA TYR C 118 7.93 35.47 1.78
C TYR C 118 8.21 34.41 0.72
N GLU C 119 9.42 34.44 0.16
CA GLU C 119 9.81 33.48 -0.88
C GLU C 119 10.49 32.31 -0.21
N ASN C 120 10.63 31.21 -0.95
CA ASN C 120 11.30 30.02 -0.43
C ASN C 120 10.61 29.40 0.78
N ILE C 121 9.32 29.67 0.95
CA ILE C 121 8.59 29.10 2.06
C ILE C 121 7.77 27.94 1.52
N ILE C 122 7.97 26.77 2.10
CA ILE C 122 7.25 25.58 1.67
C ILE C 122 5.79 25.68 2.09
N HIS C 123 4.89 25.34 1.17
CA HIS C 123 3.48 25.37 1.48
C HIS C 123 2.73 24.19 0.91
N ILE C 124 1.79 23.68 1.70
CA ILE C 124 0.96 22.55 1.35
C ILE C 124 -0.46 23.11 1.34
N ASP C 125 -1.15 22.91 0.22
CA ASP C 125 -2.48 23.46 0.08
C ASP C 125 -3.29 22.64 -0.92
N ASN C 126 -4.50 23.12 -1.19
CA ASN C 126 -5.37 22.55 -2.19
C ASN C 126 -5.32 23.73 -3.15
N ASP C 127 -5.59 23.52 -4.43
CA ASP C 127 -5.63 24.68 -5.30
C ASP C 127 -7.07 25.11 -5.12
N ASN C 128 -7.30 26.04 -4.20
CA ASN C 128 -8.64 26.51 -3.92
C ASN C 128 -9.31 27.27 -5.03
N ILE C 129 -8.51 27.92 -5.87
CA ILE C 129 -9.07 28.64 -7.01
C ILE C 129 -9.73 27.60 -7.91
N ASP C 130 -8.98 26.53 -8.19
CA ASP C 130 -9.46 25.45 -9.06
C ASP C 130 -10.65 24.71 -8.43
N ALA C 131 -10.59 24.48 -7.13
CA ALA C 131 -11.66 23.78 -6.43
C ALA C 131 -12.98 24.54 -6.53
N ALA C 132 -12.92 25.86 -6.39
CA ALA C 132 -14.12 26.67 -6.47
C ALA C 132 -14.60 26.71 -7.91
N TYR C 133 -13.64 26.69 -8.84
CA TYR C 133 -13.98 26.72 -10.26
C TYR C 133 -14.76 25.44 -10.54
N GLN C 134 -14.18 24.30 -10.15
CA GLN C 134 -14.82 23.00 -10.35
C GLN C 134 -16.21 22.89 -9.72
N LEU C 135 -16.39 23.44 -8.52
CA LEU C 135 -17.71 23.39 -7.87
C LEU C 135 -18.73 24.21 -8.65
N THR C 136 -18.34 25.42 -9.04
CA THR C 136 -19.23 26.31 -9.77
C THR C 136 -19.60 25.70 -11.12
N GLN C 137 -18.62 25.04 -11.75
CA GLN C 137 -18.84 24.39 -13.02
C GLN C 137 -19.84 23.26 -12.81
N TYR C 138 -19.68 22.54 -11.70
CA TYR C 138 -20.58 21.44 -11.36
C TYR C 138 -22.01 21.95 -11.30
N LEU C 139 -22.20 23.09 -10.63
CA LEU C 139 -23.53 23.68 -10.49
C LEU C 139 -24.06 24.24 -11.81
N TYR C 140 -23.18 24.81 -12.63
CA TYR C 140 -23.59 25.35 -13.93
C TYR C 140 -24.20 24.19 -14.72
N HIS C 141 -23.53 23.05 -14.66
CA HIS C 141 -23.98 21.84 -15.36
C HIS C 141 -25.36 21.36 -14.89
N LEU C 142 -25.71 21.65 -13.65
CA LEU C 142 -27.02 21.23 -13.12
C LEU C 142 -28.10 22.16 -13.68
N GLY C 143 -27.69 23.26 -14.30
CA GLY C 143 -28.66 24.19 -14.85
C GLY C 143 -28.70 25.51 -14.10
N HIS C 144 -27.79 25.67 -13.15
CA HIS C 144 -27.73 26.88 -12.35
C HIS C 144 -27.08 28.06 -13.08
N ARG C 145 -27.74 29.21 -13.04
CA ARG C 145 -27.24 30.41 -13.70
C ARG C 145 -27.16 31.58 -12.73
N HIS C 146 -28.06 31.62 -11.76
CA HIS C 146 -28.10 32.69 -10.77
C HIS C 146 -27.52 32.18 -9.46
N ILE C 147 -26.21 32.27 -9.35
CA ILE C 147 -25.48 31.79 -8.17
C ILE C 147 -24.95 32.91 -7.28
N LEU C 148 -25.23 32.79 -5.98
CA LEU C 148 -24.77 33.75 -4.99
C LEU C 148 -23.64 33.11 -4.19
N PHE C 149 -22.50 33.78 -4.11
CA PHE C 149 -21.35 33.24 -3.37
C PHE C 149 -21.20 34.02 -2.06
N LEU C 150 -21.33 33.33 -0.93
CA LEU C 150 -21.18 33.98 0.37
C LEU C 150 -19.76 33.76 0.88
N GLN C 151 -19.09 34.87 1.16
CA GLN C 151 -17.72 34.88 1.63
C GLN C 151 -17.62 35.16 3.14
N GLU C 152 -16.78 34.42 3.83
CA GLU C 152 -16.59 34.63 5.26
C GLU C 152 -15.67 35.84 5.42
N SER C 153 -15.83 36.60 6.51
CA SER C 153 -15.00 37.78 6.74
C SER C 153 -13.54 37.42 6.92
N GLY C 154 -12.68 38.44 6.84
CA GLY C 154 -11.26 38.21 6.99
C GLY C 154 -10.62 38.19 5.61
N HIS C 155 -9.35 38.54 5.53
CA HIS C 155 -8.68 38.56 4.24
C HIS C 155 -7.81 37.34 4.09
N TYR C 156 -8.29 36.20 4.58
CA TYR C 156 -7.53 34.95 4.51
C TYR C 156 -7.46 34.42 3.08
N ALA C 157 -6.27 33.94 2.71
CA ALA C 157 -5.99 33.41 1.38
C ALA C 157 -6.98 32.38 0.85
N VAL C 158 -7.34 31.41 1.67
CA VAL C 158 -8.27 30.37 1.25
C VAL C 158 -9.61 30.94 0.77
N THR C 159 -10.16 31.89 1.53
CA THR C 159 -11.44 32.50 1.20
C THR C 159 -11.37 33.33 -0.08
N GLU C 160 -10.27 34.07 -0.22
CA GLU C 160 -10.05 34.90 -1.39
C GLU C 160 -9.89 34.01 -2.63
N ASP C 161 -9.11 32.95 -2.49
CA ASP C 161 -8.88 32.01 -3.60
C ASP C 161 -10.18 31.40 -4.08
N ARG C 162 -11.04 30.96 -3.15
CA ARG C 162 -12.31 30.38 -3.54
C ARG C 162 -13.20 31.40 -4.24
N SER C 163 -13.23 32.63 -3.74
CA SER C 163 -14.05 33.66 -4.37
C SER C 163 -13.51 33.95 -5.78
N VAL C 164 -12.19 33.94 -5.93
CA VAL C 164 -11.55 34.18 -7.23
C VAL C 164 -11.92 33.10 -8.25
N GLY C 165 -11.87 31.84 -7.81
CA GLY C 165 -12.22 30.75 -8.70
C GLY C 165 -13.67 30.84 -9.13
N PHE C 166 -14.53 31.29 -8.22
CA PHE C 166 -15.95 31.45 -8.52
C PHE C 166 -16.12 32.50 -9.60
N LYS C 167 -15.49 33.65 -9.41
CA LYS C 167 -15.59 34.75 -10.37
C LYS C 167 -15.00 34.38 -11.72
N GLN C 168 -13.92 33.60 -11.71
CA GLN C 168 -13.27 33.18 -12.93
C GLN C 168 -14.23 32.37 -13.79
N TYR C 169 -14.94 31.42 -13.17
CA TYR C 169 -15.89 30.61 -13.92
C TYR C 169 -17.03 31.46 -14.46
N CYS C 170 -17.57 32.31 -13.61
CA CYS C 170 -18.68 33.18 -14.03
C CYS C 170 -18.27 34.08 -15.21
N ASP C 171 -17.01 34.51 -15.24
CA ASP C 171 -16.55 35.36 -16.34
C ASP C 171 -16.35 34.50 -17.59
N ASP C 172 -15.94 33.26 -17.38
CA ASP C 172 -15.71 32.32 -18.47
C ASP C 172 -17.00 31.94 -19.19
N VAL C 173 -18.10 31.92 -18.47
CA VAL C 173 -19.40 31.59 -19.06
C VAL C 173 -20.27 32.83 -19.17
N LYS C 174 -19.69 33.97 -18.81
CA LYS C 174 -20.37 35.27 -18.88
C LYS C 174 -21.75 35.32 -18.22
N ILE C 175 -21.76 35.32 -16.88
CA ILE C 175 -23.01 35.40 -16.14
C ILE C 175 -22.89 36.30 -14.90
N SER C 176 -23.94 36.35 -14.09
CA SER C 176 -23.96 37.19 -12.88
C SER C 176 -23.20 36.61 -11.71
N ASN C 177 -22.10 37.26 -11.33
CA ASN C 177 -21.28 36.78 -10.23
C ASN C 177 -21.35 37.56 -8.92
N ASP C 178 -22.53 37.59 -8.30
CA ASP C 178 -22.69 38.29 -7.03
C ASP C 178 -21.90 37.57 -5.94
N CYS C 179 -20.97 38.30 -5.32
CA CYS C 179 -20.13 37.75 -4.29
C CYS C 179 -20.19 38.68 -3.08
N VAL C 180 -20.76 38.21 -1.98
CA VAL C 180 -20.88 39.05 -0.78
C VAL C 180 -20.16 38.50 0.45
N VAL C 181 -19.57 39.42 1.23
CA VAL C 181 -18.85 39.07 2.45
C VAL C 181 -19.76 39.13 3.67
N ILE C 182 -19.87 38.16 4.43
CA ILE C 182 -20.72 38.08 5.61
C ILE C 182 -19.88 38.38 6.84
N LYS C 183 -20.23 39.29 7.53
CA LYS C 183 -19.46 39.69 8.71
C LYS C 183 -20.06 39.22 10.03
N SER C 184 -21.33 38.83 10.01
CA SER C 184 -21.99 38.35 11.23
C SER C 184 -23.28 37.62 10.90
N MET C 185 -23.90 37.02 11.91
CA MET C 185 -25.14 36.30 11.72
C MET C 185 -26.26 37.26 11.35
N ASN C 186 -26.29 38.42 12.01
CA ASN C 186 -27.32 39.42 11.72
C ASN C 186 -27.13 39.98 10.32
N ASP C 187 -25.87 40.10 9.89
CA ASP C 187 -25.57 40.60 8.55
C ASP C 187 -26.07 39.58 7.53
N LEU C 188 -25.80 38.31 7.81
CA LEU C 188 -26.21 37.21 6.93
C LEU C 188 -27.73 37.16 6.88
N ARG C 189 -28.35 37.27 8.05
CA ARG C 189 -29.80 37.23 8.17
C ARG C 189 -30.41 38.39 7.36
N ASP C 190 -29.76 39.55 7.42
CA ASP C 190 -30.24 40.72 6.70
C ASP C 190 -30.06 40.51 5.20
N PHE C 191 -28.95 39.87 4.82
CA PHE C 191 -28.68 39.64 3.42
C PHE C 191 -29.57 38.60 2.76
N ILE C 192 -29.99 37.60 3.53
CA ILE C 192 -30.82 36.54 2.96
C ILE C 192 -32.12 37.10 2.40
N LYS C 193 -32.60 38.20 2.98
CA LYS C 193 -33.82 38.81 2.48
C LYS C 193 -33.52 39.59 1.21
N GLN C 194 -32.79 38.93 0.31
CA GLN C 194 -32.41 39.47 -0.99
C GLN C 194 -32.77 38.34 -1.96
N TYR C 195 -33.38 37.31 -1.40
CA TYR C 195 -33.78 36.15 -2.19
C TYR C 195 -35.15 35.66 -1.74
N MET C 202 -34.37 35.88 -6.74
CA MET C 202 -33.82 34.89 -5.82
C MET C 202 -32.84 33.96 -6.53
N PRO C 203 -31.62 33.80 -6.00
CA PRO C 203 -30.67 32.90 -6.68
C PRO C 203 -31.16 31.46 -6.57
N SER C 204 -30.73 30.61 -7.50
CA SER C 204 -31.18 29.22 -7.46
C SER C 204 -30.35 28.38 -6.49
N VAL C 205 -29.09 28.73 -6.32
CA VAL C 205 -28.20 28.02 -5.42
C VAL C 205 -27.25 29.01 -4.75
N ILE C 206 -26.90 28.74 -3.50
CA ILE C 206 -25.99 29.57 -2.74
C ILE C 206 -24.75 28.76 -2.36
N ILE C 207 -23.58 29.34 -2.57
CA ILE C 207 -22.33 28.68 -2.20
C ILE C 207 -21.74 29.44 -1.03
N THR C 208 -21.31 28.72 0.00
CA THR C 208 -20.66 29.37 1.14
C THR C 208 -19.21 28.91 1.05
N SER C 209 -18.28 29.80 1.40
CA SER C 209 -16.86 29.51 1.33
C SER C 209 -16.37 28.46 2.32
N ASP C 210 -17.13 28.23 3.39
CA ASP C 210 -16.75 27.25 4.39
C ASP C 210 -17.95 26.66 5.15
N VAL C 211 -17.74 25.50 5.76
CA VAL C 211 -18.79 24.79 6.49
C VAL C 211 -19.45 25.52 7.65
N MET C 212 -18.68 26.29 8.42
CA MET C 212 -19.26 27.00 9.56
C MET C 212 -20.16 28.15 9.11
N LEU C 213 -19.83 28.81 8.01
CA LEU C 213 -20.70 29.87 7.50
C LEU C 213 -21.92 29.16 6.92
N ASN C 214 -21.73 27.95 6.41
CA ASN C 214 -22.84 27.19 5.85
C ASN C 214 -23.87 26.80 6.91
N MET C 215 -23.40 26.39 8.09
CA MET C 215 -24.33 26.04 9.17
C MET C 215 -25.20 27.26 9.47
N GLN C 216 -24.58 28.43 9.46
CA GLN C 216 -25.31 29.66 9.72
C GLN C 216 -26.34 29.93 8.64
N LEU C 217 -25.97 29.68 7.38
CA LEU C 217 -26.91 29.87 6.28
C LEU C 217 -28.10 28.92 6.40
N LEU C 218 -27.83 27.64 6.67
CA LEU C 218 -28.92 26.66 6.80
C LEU C 218 -29.86 27.05 7.94
N ASN C 219 -29.31 27.63 9.00
CA ASN C 219 -30.11 28.06 10.15
C ASN C 219 -31.07 29.17 9.71
N VAL C 220 -30.57 30.12 8.93
CA VAL C 220 -31.38 31.24 8.46
C VAL C 220 -32.38 30.82 7.38
N LEU C 221 -32.00 29.90 6.51
CA LEU C 221 -32.92 29.45 5.48
C LEU C 221 -34.06 28.70 6.16
N TYR C 222 -33.73 27.97 7.23
CA TYR C 222 -34.74 27.21 7.97
C TYR C 222 -35.74 28.16 8.64
N GLU C 223 -35.21 29.22 9.25
CA GLU C 223 -36.03 30.23 9.93
C GLU C 223 -36.97 30.90 8.92
N TYR C 224 -36.46 31.18 7.72
CA TYR C 224 -37.26 31.83 6.69
C TYR C 224 -38.07 30.84 5.84
N GLN C 225 -38.13 29.59 6.31
CA GLN C 225 -38.89 28.53 5.67
C GLN C 225 -38.59 28.24 4.20
N LEU C 226 -37.32 28.36 3.80
CA LEU C 226 -36.96 28.06 2.42
C LEU C 226 -36.43 26.62 2.39
N ARG C 227 -37.25 25.72 1.87
CA ARG C 227 -36.89 24.30 1.80
C ARG C 227 -35.71 24.07 0.86
N ILE C 228 -34.87 23.11 1.21
CA ILE C 228 -33.71 22.78 0.39
C ILE C 228 -33.88 21.30 0.00
N PRO C 229 -33.78 20.99 -1.30
CA PRO C 229 -33.49 21.85 -2.45
C PRO C 229 -34.70 22.46 -3.16
N GLU C 230 -35.91 22.14 -2.70
CA GLU C 230 -37.13 22.66 -3.32
C GLU C 230 -37.16 24.15 -3.64
N ASP C 231 -36.97 25.00 -2.63
CA ASP C 231 -37.00 26.44 -2.81
C ASP C 231 -35.64 27.06 -3.15
N ILE C 232 -34.57 26.39 -2.78
CA ILE C 232 -33.24 26.89 -3.06
C ILE C 232 -32.22 25.81 -2.73
N GLN C 233 -31.10 25.85 -3.42
CA GLN C 233 -30.04 24.86 -3.21
C GLN C 233 -28.82 25.50 -2.54
N THR C 234 -27.96 24.66 -1.98
CA THR C 234 -26.77 25.15 -1.31
C THR C 234 -25.59 24.19 -1.52
N ALA C 235 -24.38 24.71 -1.35
CA ALA C 235 -23.17 23.92 -1.52
C ALA C 235 -22.05 24.60 -0.74
N THR C 236 -21.11 23.84 -0.20
CA THR C 236 -20.04 24.47 0.56
C THR C 236 -18.72 23.75 0.36
N PHE C 237 -17.72 24.16 1.14
CA PHE C 237 -16.40 23.56 1.06
C PHE C 237 -16.07 22.82 2.35
N ASN C 238 -15.28 21.75 2.21
CA ASN C 238 -14.80 20.91 3.31
C ASN C 238 -15.77 19.85 3.83
N THR C 239 -15.86 18.75 3.10
CA THR C 239 -16.72 17.64 3.46
C THR C 239 -16.35 17.16 4.86
N SER C 240 -17.36 16.88 5.67
CA SER C 240 -17.13 16.43 7.04
C SER C 240 -18.43 15.86 7.59
N PHE C 241 -18.42 15.48 8.86
CA PHE C 241 -19.63 14.95 9.47
C PHE C 241 -20.70 16.02 9.41
N LEU C 242 -20.28 17.27 9.57
CA LEU C 242 -21.20 18.41 9.56
C LEU C 242 -21.92 18.63 8.24
N THR C 243 -21.24 18.39 7.12
CA THR C 243 -21.89 18.59 5.83
C THR C 243 -22.76 17.38 5.51
N GLU C 244 -22.25 16.19 5.84
CA GLU C 244 -22.93 14.93 5.59
C GLU C 244 -24.21 14.79 6.40
N ASN C 245 -24.20 15.35 7.61
CA ASN C 245 -25.36 15.25 8.47
C ASN C 245 -26.03 16.59 8.69
N ALA C 246 -25.80 17.53 7.78
CA ALA C 246 -26.41 18.84 7.88
C ALA C 246 -27.90 18.71 7.55
N THR C 247 -28.62 19.81 7.69
CA THR C 247 -30.05 19.85 7.41
C THR C 247 -30.38 20.68 6.18
N PRO C 248 -30.46 20.04 5.01
CA PRO C 248 -30.30 18.61 4.70
C PRO C 248 -28.84 18.32 4.36
N SER C 249 -28.52 17.08 4.01
CA SER C 249 -27.13 16.75 3.67
C SER C 249 -26.63 17.69 2.58
N GLN C 250 -25.42 18.21 2.76
CA GLN C 250 -24.85 19.19 1.84
C GLN C 250 -23.83 18.74 0.79
N THR C 251 -24.06 19.17 -0.44
CA THR C 251 -23.14 18.90 -1.53
C THR C 251 -21.93 19.72 -1.15
N SER C 252 -20.74 19.14 -1.20
CA SER C 252 -19.56 19.85 -0.78
C SER C 252 -18.31 19.42 -1.50
N VAL C 253 -17.24 20.18 -1.27
CA VAL C 253 -15.95 19.89 -1.86
C VAL C 253 -15.09 19.25 -0.80
N ASN C 254 -14.61 18.03 -1.07
CA ASN C 254 -13.77 17.34 -0.13
C ASN C 254 -12.35 17.83 -0.42
N ILE C 255 -11.73 18.43 0.58
CA ILE C 255 -10.39 18.96 0.43
C ILE C 255 -9.32 18.07 1.04
N ASN C 256 -9.74 16.92 1.57
CA ASN C 256 -8.83 15.95 2.18
C ASN C 256 -7.88 16.55 3.19
N PRO C 257 -8.41 17.24 4.20
CA PRO C 257 -7.60 17.86 5.24
C PRO C 257 -6.63 16.91 5.94
N ASP C 258 -7.01 15.64 6.06
CA ASP C 258 -6.13 14.68 6.71
C ASP C 258 -4.82 14.52 5.93
N VAL C 259 -4.90 14.57 4.60
CA VAL C 259 -3.70 14.45 3.78
C VAL C 259 -2.83 15.70 3.89
N LEU C 260 -3.47 16.86 4.03
CA LEU C 260 -2.73 18.11 4.16
C LEU C 260 -1.90 18.07 5.43
N GLY C 261 -2.49 17.52 6.49
CA GLY C 261 -1.82 17.42 7.77
C GLY C 261 -0.68 16.41 7.79
N PHE C 262 -0.90 15.24 7.23
CA PHE C 262 0.13 14.20 7.21
C PHE C 262 1.33 14.72 6.44
N THR C 263 1.05 15.42 5.36
CA THR C 263 2.09 16.00 4.52
C THR C 263 2.83 17.12 5.26
N ALA C 264 2.09 18.01 5.90
CA ALA C 264 2.71 19.12 6.63
C ALA C 264 3.56 18.62 7.80
N GLY C 265 3.11 17.56 8.45
CA GLY C 265 3.86 17.03 9.57
C GLY C 265 5.17 16.40 9.15
N ASN C 266 5.13 15.60 8.08
CA ASN C 266 6.34 14.94 7.61
C ASN C 266 7.36 15.89 7.01
N THR C 267 6.88 16.98 6.42
CA THR C 267 7.76 17.95 5.79
C THR C 267 8.50 18.83 6.78
N ILE C 268 7.81 19.34 7.80
CA ILE C 268 8.48 20.18 8.78
C ILE C 268 9.53 19.36 9.55
N ILE C 269 9.25 18.08 9.78
CA ILE C 269 10.21 17.25 10.48
C ILE C 269 11.40 16.98 9.54
N ASP C 270 11.13 16.88 8.25
CA ASP C 270 12.20 16.67 7.27
C ASP C 270 13.11 17.89 7.28
N VAL C 271 12.47 19.06 7.25
CA VAL C 271 13.16 20.33 7.26
C VAL C 271 14.05 20.43 8.50
N LEU C 272 13.52 19.99 9.63
CA LEU C 272 14.24 20.04 10.90
C LEU C 272 15.45 19.11 11.01
N ARG C 273 15.61 18.18 10.06
CA ARG C 273 16.75 17.26 10.14
C ARG C 273 17.39 16.83 8.82
N ASN C 274 17.14 17.56 7.73
CA ASN C 274 17.72 17.22 6.43
C ASN C 274 18.94 18.07 6.12
N PHE C 279 12.93 24.29 -1.79
CA PHE C 279 11.68 25.02 -1.86
C PHE C 279 10.73 24.45 -2.89
N ARG C 280 9.57 23.98 -2.43
CA ARG C 280 8.58 23.41 -3.31
C ARG C 280 7.16 23.63 -2.80
N GLU C 281 6.18 23.11 -3.54
CA GLU C 281 4.79 23.25 -3.16
C GLU C 281 4.06 21.95 -3.43
N LYS C 282 3.07 21.65 -2.60
CA LYS C 282 2.27 20.44 -2.76
C LYS C 282 0.81 20.81 -2.74
N LEU C 283 0.08 20.37 -3.76
CA LEU C 283 -1.33 20.65 -3.85
C LEU C 283 -2.16 19.38 -3.82
N ILE C 284 -2.93 19.22 -2.74
CA ILE C 284 -3.80 18.05 -2.58
C ILE C 284 -5.07 18.32 -3.37
N SER C 285 -5.47 17.35 -4.19
CA SER C 285 -6.66 17.49 -5.02
C SER C 285 -7.95 17.46 -4.22
N THR C 286 -9.01 17.97 -4.84
CA THR C 286 -10.31 18.02 -4.18
C THR C 286 -11.33 17.28 -5.03
N GLN C 287 -12.39 16.79 -4.39
CA GLN C 287 -13.44 16.09 -5.10
C GLN C 287 -14.78 16.68 -4.67
N ILE C 288 -15.77 16.64 -5.57
CA ILE C 288 -17.09 17.14 -5.27
C ILE C 288 -17.93 15.98 -4.75
N VAL C 289 -18.49 16.15 -3.55
CA VAL C 289 -19.34 15.12 -2.95
C VAL C 289 -20.79 15.58 -3.12
N GLU C 290 -21.55 14.81 -3.90
CA GLU C 290 -22.94 15.16 -4.19
C GLU C 290 -23.92 14.69 -3.14
N ARG C 291 -24.77 15.58 -2.69
CA ARG C 291 -25.75 15.22 -1.68
C ARG C 291 -27.11 15.84 -1.96
N VAL C 292 -28.01 15.74 -0.98
CA VAL C 292 -29.37 16.25 -1.08
C VAL C 292 -29.53 17.74 -1.36
N SER C 293 -28.58 18.57 -0.91
CA SER C 293 -28.71 20.02 -1.11
C SER C 293 -28.72 20.51 -2.56
N THR C 294 -28.24 19.69 -3.50
CA THR C 294 -28.25 20.09 -4.92
C THR C 294 -28.95 19.05 -5.79
N THR C 295 -29.54 19.51 -6.88
CA THR C 295 -30.24 18.63 -7.81
C THR C 295 -30.39 19.36 -9.15
N LYS C 296 -30.53 18.60 -10.22
CA LYS C 296 -30.68 19.20 -11.55
C LYS C 296 -31.96 20.03 -11.63
N ILE C 297 -31.87 21.21 -12.23
CA ILE C 297 -33.04 22.07 -12.37
C ILE C 297 -33.44 22.22 -13.84
N LYS D 21 12.29 12.00 31.85
CA LYS D 21 11.14 12.95 31.72
C LYS D 21 11.11 13.60 30.34
N THR D 22 10.03 13.39 29.60
CA THR D 22 9.87 13.95 28.28
C THR D 22 9.07 15.25 28.34
N LEU D 23 8.42 15.48 29.48
CA LEU D 23 7.59 16.66 29.66
C LEU D 23 6.49 16.68 28.60
N THR D 24 6.01 15.48 28.26
CA THR D 24 4.95 15.33 27.26
C THR D 24 3.80 14.53 27.87
N ILE D 25 2.59 15.01 27.66
CA ILE D 25 1.41 14.32 28.17
C ILE D 25 0.75 13.59 27.01
N GLY D 26 0.40 12.33 27.20
CA GLY D 26 -0.26 11.60 26.14
C GLY D 26 -1.76 11.75 26.31
N LEU D 27 -2.47 12.02 25.22
CA LEU D 27 -3.93 12.20 25.23
C LEU D 27 -4.59 11.03 24.50
N ILE D 28 -5.29 10.20 25.25
CA ILE D 28 -5.93 9.04 24.65
C ILE D 28 -7.40 9.28 24.28
N GLN D 29 -7.68 9.34 22.98
CA GLN D 29 -9.05 9.51 22.46
C GLN D 29 -9.58 8.09 22.27
N LYS D 30 -10.88 7.91 22.44
CA LYS D 30 -11.46 6.59 22.26
C LYS D 30 -11.30 6.15 20.80
N SER D 31 -11.26 7.13 19.89
CA SER D 31 -11.08 6.85 18.46
C SER D 31 -10.81 8.13 17.70
N SER D 32 -10.10 8.04 16.58
CA SER D 32 -9.80 9.21 15.77
C SER D 32 -10.77 9.32 14.59
N ALA D 33 -11.75 8.41 14.54
CA ALA D 33 -12.74 8.41 13.46
C ALA D 33 -13.46 9.75 13.39
N PRO D 34 -13.80 10.22 12.18
CA PRO D 34 -14.48 11.49 11.91
C PRO D 34 -15.64 11.86 12.85
N GLU D 35 -16.56 10.94 13.08
CA GLU D 35 -17.71 11.21 13.93
C GLU D 35 -17.28 11.49 15.37
N ILE D 36 -16.13 10.97 15.77
CA ILE D 36 -15.64 11.17 17.12
C ILE D 36 -14.75 12.40 17.26
N ARG D 37 -13.68 12.49 16.46
CA ARG D 37 -12.77 13.62 16.56
C ARG D 37 -13.38 14.97 16.17
N GLN D 38 -14.37 14.97 15.30
CA GLN D 38 -14.97 16.23 14.88
C GLN D 38 -15.98 16.76 15.90
N ASN D 39 -16.24 15.98 16.95
CA ASN D 39 -17.17 16.39 18.01
C ASN D 39 -16.52 17.61 18.69
N PRO D 40 -17.22 18.75 18.73
CA PRO D 40 -16.61 19.92 19.37
C PRO D 40 -16.15 19.72 20.82
N PHE D 41 -16.69 18.70 21.47
CA PHE D 41 -16.25 18.41 22.85
C PHE D 41 -14.74 18.15 22.81
N ASN D 42 -14.28 17.51 21.74
CA ASN D 42 -12.86 17.19 21.61
C ASN D 42 -11.97 18.42 21.44
N SER D 43 -12.35 19.34 20.55
CA SER D 43 -11.57 20.53 20.34
C SER D 43 -11.58 21.38 21.62
N ASP D 44 -12.72 21.43 22.31
CA ASP D 44 -12.81 22.22 23.55
C ASP D 44 -11.93 21.69 24.69
N VAL D 45 -12.01 20.39 24.98
CA VAL D 45 -11.18 19.83 26.06
C VAL D 45 -9.70 20.02 25.72
N LEU D 46 -9.35 19.78 24.45
CA LEU D 46 -7.97 19.92 24.01
C LEU D 46 -7.45 21.36 24.16
N ASN D 47 -8.32 22.32 23.87
CA ASN D 47 -7.94 23.72 24.00
C ASN D 47 -7.66 24.01 25.47
N GLY D 48 -8.41 23.36 26.36
CA GLY D 48 -8.22 23.54 27.80
C GLY D 48 -6.91 22.96 28.27
N ILE D 49 -6.62 21.74 27.81
CA ILE D 49 -5.39 21.05 28.15
C ILE D 49 -4.18 21.86 27.68
N ASN D 50 -4.29 22.40 26.46
CA ASN D 50 -3.21 23.21 25.90
C ASN D 50 -2.96 24.48 26.69
N GLN D 51 -4.01 25.09 27.21
CA GLN D 51 -3.84 26.32 27.98
C GLN D 51 -3.05 26.02 29.24
N ALA D 52 -3.25 24.83 29.81
CA ALA D 52 -2.53 24.45 31.02
C ALA D 52 -1.10 23.98 30.72
N CYS D 53 -0.96 23.07 29.76
CA CYS D 53 0.37 22.56 29.40
C CYS D 53 1.37 23.61 28.90
N ASN D 54 0.92 24.51 28.05
CA ASN D 54 1.85 25.52 27.51
C ASN D 54 2.46 26.40 28.59
N VAL D 55 1.64 26.90 29.51
CA VAL D 55 2.14 27.77 30.58
C VAL D 55 3.01 27.02 31.59
N ARG D 56 2.85 25.70 31.66
CA ARG D 56 3.64 24.89 32.58
C ARG D 56 4.83 24.19 31.92
N GLY D 57 5.02 24.45 30.63
CA GLY D 57 6.14 23.86 29.91
C GLY D 57 6.04 22.40 29.51
N TYR D 58 4.84 21.94 29.17
CA TYR D 58 4.65 20.55 28.75
C TYR D 58 4.13 20.53 27.33
N SER D 59 4.45 19.46 26.60
CA SER D 59 3.98 19.28 25.24
C SER D 59 2.95 18.16 25.26
N THR D 60 2.37 17.85 24.11
CA THR D 60 1.38 16.79 24.05
C THR D 60 1.45 15.95 22.78
N ARG D 61 0.82 14.78 22.83
CA ARG D 61 0.74 13.91 21.67
C ARG D 61 -0.60 13.21 21.84
N MET D 62 -1.32 13.04 20.75
CA MET D 62 -2.62 12.41 20.81
C MET D 62 -2.63 11.10 20.03
N THR D 63 -3.40 10.14 20.51
CA THR D 63 -3.49 8.85 19.85
C THR D 63 -4.18 9.02 18.51
N VAL D 64 -3.94 8.11 17.57
CA VAL D 64 -4.56 8.22 16.25
C VAL D 64 -5.34 6.98 15.78
N SER D 65 -5.37 5.92 16.58
CA SER D 65 -6.08 4.70 16.20
C SER D 65 -7.59 4.91 16.08
N GLU D 66 -8.21 4.18 15.15
CA GLU D 66 -9.64 4.27 14.92
C GLU D 66 -10.43 3.09 15.47
N ASN D 67 -9.77 2.24 16.24
CA ASN D 67 -10.44 1.10 16.86
C ASN D 67 -9.66 0.64 18.10
N SER D 68 -10.38 0.07 19.04
CA SER D 68 -9.81 -0.38 20.31
C SER D 68 -8.59 -1.28 20.20
N GLY D 69 -8.60 -2.19 19.25
CA GLY D 69 -7.47 -3.09 19.07
C GLY D 69 -6.19 -2.32 18.78
N ASP D 70 -6.21 -1.49 17.75
CA ASP D 70 -5.03 -0.71 17.38
C ASP D 70 -4.62 0.26 18.49
N LEU D 71 -5.60 0.81 19.18
CA LEU D 71 -5.33 1.77 20.25
C LEU D 71 -4.55 1.15 21.40
N TYR D 72 -4.85 -0.11 21.72
CA TYR D 72 -4.15 -0.81 22.79
C TYR D 72 -2.67 -0.86 22.49
N HIS D 73 -2.35 -1.36 21.30
CA HIS D 73 -0.96 -1.49 20.88
C HIS D 73 -0.27 -0.14 20.72
N GLU D 74 -1.03 0.87 20.31
CA GLU D 74 -0.47 2.21 20.14
C GLU D 74 -0.06 2.77 21.50
N VAL D 75 -0.91 2.63 22.50
CA VAL D 75 -0.60 3.11 23.83
C VAL D 75 0.52 2.25 24.44
N LYS D 76 0.45 0.94 24.22
CA LYS D 76 1.49 0.07 24.76
C LYS D 76 2.83 0.56 24.22
N THR D 77 2.88 0.84 22.92
CA THR D 77 4.10 1.32 22.27
C THR D 77 4.56 2.65 22.87
N MET D 78 3.62 3.55 23.14
CA MET D 78 3.98 4.85 23.72
C MET D 78 4.59 4.62 25.09
N ILE D 79 4.06 3.66 25.83
CA ILE D 79 4.58 3.36 27.16
C ILE D 79 5.98 2.78 27.08
N GLN D 80 6.19 1.82 26.19
CA GLN D 80 7.49 1.17 26.05
C GLN D 80 8.59 2.07 25.51
N SER D 81 8.23 2.99 24.63
CA SER D 81 9.22 3.90 24.05
C SER D 81 9.46 5.06 25.00
N LYS D 82 8.70 5.08 26.09
CA LYS D 82 8.80 6.14 27.09
C LYS D 82 8.63 7.50 26.43
N SER D 83 7.78 7.56 25.41
CA SER D 83 7.51 8.79 24.68
C SER D 83 6.63 9.77 25.44
N VAL D 84 6.16 9.37 26.61
CA VAL D 84 5.27 10.21 27.40
C VAL D 84 5.51 10.06 28.91
N ASP D 85 5.19 11.10 29.68
CA ASP D 85 5.38 11.03 31.13
C ASP D 85 4.11 10.61 31.86
N GLY D 86 2.97 10.97 31.30
CA GLY D 86 1.69 10.63 31.91
C GLY D 86 0.60 10.73 30.87
N PHE D 87 -0.58 10.18 31.19
CA PHE D 87 -1.69 10.22 30.24
C PHE D 87 -2.94 10.84 30.78
N ILE D 88 -3.78 11.29 29.85
CA ILE D 88 -5.09 11.81 30.15
C ILE D 88 -5.96 10.95 29.25
N LEU D 89 -6.92 10.26 29.84
CA LEU D 89 -7.82 9.42 29.10
C LEU D 89 -9.03 10.32 28.87
N LEU D 90 -9.34 10.60 27.62
CA LEU D 90 -10.45 11.49 27.26
C LEU D 90 -11.82 10.85 27.24
N TYR D 91 -11.95 9.71 27.90
CA TYR D 91 -13.24 9.01 27.94
C TYR D 91 -13.18 7.99 29.06
N SER D 92 -14.30 7.35 29.34
CA SER D 92 -14.35 6.31 30.37
C SER D 92 -15.19 5.18 29.81
N LEU D 93 -14.74 3.95 30.02
CA LEU D 93 -15.43 2.76 29.52
C LEU D 93 -15.23 1.61 30.51
N LYS D 94 -16.31 0.94 30.91
CA LYS D 94 -16.13 -0.15 31.87
C LYS D 94 -15.35 -1.27 31.23
N ASP D 95 -14.46 -1.87 32.03
CA ASP D 95 -13.62 -2.98 31.59
C ASP D 95 -12.74 -2.64 30.40
N ASP D 96 -12.30 -1.40 30.38
CA ASP D 96 -11.45 -0.89 29.34
C ASP D 96 -10.05 -1.51 29.39
N PRO D 97 -9.64 -2.16 28.29
CA PRO D 97 -8.31 -2.77 28.25
C PRO D 97 -7.23 -1.72 28.45
N ILE D 98 -7.48 -0.51 27.97
CA ILE D 98 -6.48 0.55 28.09
C ILE D 98 -6.12 0.82 29.54
N GLU D 99 -7.12 0.86 30.42
CA GLU D 99 -6.88 1.11 31.85
C GLU D 99 -6.12 -0.03 32.51
N HIS D 100 -6.40 -1.27 32.08
CA HIS D 100 -5.69 -2.42 32.63
C HIS D 100 -4.21 -2.24 32.24
N LEU D 101 -3.98 -1.88 30.97
CA LEU D 101 -2.63 -1.67 30.44
C LEU D 101 -1.83 -0.65 31.25
N LEU D 102 -2.44 0.52 31.42
CA LEU D 102 -1.82 1.61 32.18
C LEU D 102 -1.51 1.21 33.61
N ASN D 103 -2.39 0.43 34.22
CA ASN D 103 -2.14 0.01 35.58
C ASN D 103 -1.10 -1.09 35.67
N GLU D 104 -1.03 -1.96 34.67
CA GLU D 104 -0.03 -3.02 34.68
C GLU D 104 1.36 -2.41 34.60
N PHE D 105 1.50 -1.34 33.81
CA PHE D 105 2.79 -0.68 33.65
C PHE D 105 2.99 0.49 34.60
N LYS D 106 2.08 0.63 35.56
CA LYS D 106 2.13 1.69 36.56
C LYS D 106 2.50 3.08 36.02
N VAL D 107 1.81 3.50 34.96
CA VAL D 107 2.04 4.80 34.36
C VAL D 107 1.01 5.78 34.90
N PRO D 108 1.43 7.00 35.25
CA PRO D 108 0.48 7.99 35.78
C PRO D 108 -0.55 8.35 34.71
N TYR D 109 -1.83 8.37 35.09
CA TYR D 109 -2.87 8.76 34.16
C TYR D 109 -4.05 9.31 34.96
N LEU D 110 -4.92 10.01 34.26
CA LEU D 110 -6.09 10.63 34.86
C LEU D 110 -7.21 10.42 33.87
N ILE D 111 -8.45 10.45 34.35
CA ILE D 111 -9.61 10.26 33.48
C ILE D 111 -10.50 11.50 33.39
N VAL D 112 -10.92 11.84 32.18
CA VAL D 112 -11.86 12.94 32.00
C VAL D 112 -13.15 12.15 31.84
N GLY D 113 -13.83 11.95 32.97
CA GLY D 113 -15.06 11.18 32.98
C GLY D 113 -15.17 10.45 34.31
N LYS D 114 -16.03 9.45 34.38
CA LYS D 114 -16.21 8.71 35.63
C LYS D 114 -15.22 7.56 35.72
N SER D 115 -14.62 7.37 36.90
CA SER D 115 -13.68 6.26 37.07
C SER D 115 -14.47 5.01 37.42
N LEU D 116 -14.38 3.98 36.58
CA LEU D 116 -15.14 2.76 36.78
C LEU D 116 -14.36 1.46 36.99
N ASN D 117 -13.09 1.45 36.62
CA ASN D 117 -12.34 0.21 36.70
C ASN D 117 -11.34 0.06 37.84
N TYR D 118 -10.64 1.14 38.18
CA TYR D 118 -9.70 1.07 39.28
C TYR D 118 -10.08 2.06 40.36
N GLU D 119 -9.76 1.70 41.61
CA GLU D 119 -10.10 2.53 42.74
C GLU D 119 -9.15 3.71 42.88
N ASN D 120 -9.68 4.82 43.39
CA ASN D 120 -8.94 6.07 43.59
C ASN D 120 -8.04 6.55 42.48
N ILE D 121 -8.56 6.50 41.26
CA ILE D 121 -7.86 7.02 40.09
C ILE D 121 -8.41 8.43 40.04
N ILE D 122 -7.58 9.41 39.71
CA ILE D 122 -8.06 10.78 39.65
C ILE D 122 -9.00 10.96 38.45
N HIS D 123 -10.19 11.52 38.66
CA HIS D 123 -11.08 11.75 37.54
C HIS D 123 -11.72 13.13 37.62
N ILE D 124 -11.87 13.76 36.46
CA ILE D 124 -12.45 15.09 36.31
C ILE D 124 -13.64 14.89 35.40
N ASP D 125 -14.82 15.32 35.86
CA ASP D 125 -16.02 15.08 35.11
C ASP D 125 -17.14 16.05 35.51
N ASN D 126 -18.25 15.99 34.80
CA ASN D 126 -19.43 16.78 35.13
C ASN D 126 -20.24 15.70 35.83
N ASP D 127 -21.30 16.08 36.55
CA ASP D 127 -22.14 15.07 37.16
C ASP D 127 -23.17 14.83 36.06
N ASN D 128 -22.91 13.87 35.19
CA ASN D 128 -23.82 13.62 34.07
C ASN D 128 -25.20 13.08 34.46
N ILE D 129 -25.31 12.41 35.61
CA ILE D 129 -26.62 11.93 36.03
C ILE D 129 -27.43 13.19 36.37
N ASP D 130 -26.82 14.10 37.11
CA ASP D 130 -27.51 15.34 37.49
C ASP D 130 -27.79 16.24 36.30
N ALA D 131 -26.85 16.29 35.36
CA ALA D 131 -27.00 17.12 34.17
C ALA D 131 -28.23 16.71 33.36
N ALA D 132 -28.44 15.41 33.21
CA ALA D 132 -29.59 14.93 32.45
C ALA D 132 -30.86 15.10 33.28
N TYR D 133 -30.73 14.97 34.60
CA TYR D 133 -31.86 15.12 35.50
C TYR D 133 -32.39 16.55 35.36
N GLN D 134 -31.48 17.52 35.40
CA GLN D 134 -31.84 18.92 35.28
C GLN D 134 -32.41 19.27 33.90
N LEU D 135 -31.92 18.62 32.84
CA LEU D 135 -32.46 18.93 31.52
C LEU D 135 -33.88 18.44 31.42
N THR D 136 -34.11 17.21 31.90
CA THR D 136 -35.44 16.62 31.84
C THR D 136 -36.39 17.47 32.68
N GLN D 137 -35.91 17.94 33.82
CA GLN D 137 -36.72 18.78 34.71
C GLN D 137 -37.12 20.07 33.98
N TYR D 138 -36.17 20.69 33.28
CA TYR D 138 -36.43 21.92 32.54
C TYR D 138 -37.51 21.70 31.48
N LEU D 139 -37.44 20.56 30.80
CA LEU D 139 -38.42 20.22 29.77
C LEU D 139 -39.78 19.93 30.41
N TYR D 140 -39.75 19.27 31.57
CA TYR D 140 -40.97 18.94 32.29
C TYR D 140 -41.69 20.23 32.67
N HIS D 141 -40.90 21.22 33.09
CA HIS D 141 -41.45 22.51 33.50
C HIS D 141 -42.02 23.34 32.37
N LEU D 142 -41.65 23.04 31.13
CA LEU D 142 -42.19 23.77 29.97
C LEU D 142 -43.56 23.17 29.66
N GLY D 143 -43.81 22.00 30.24
CA GLY D 143 -45.08 21.32 30.04
C GLY D 143 -44.99 19.94 29.40
N HIS D 144 -43.78 19.48 29.10
CA HIS D 144 -43.60 18.18 28.47
C HIS D 144 -43.87 17.00 29.42
N ARG D 145 -44.55 15.98 28.91
CA ARG D 145 -44.86 14.79 29.70
C ARG D 145 -44.49 13.53 28.91
N HIS D 146 -44.35 13.67 27.60
CA HIS D 146 -43.97 12.55 26.74
C HIS D 146 -42.61 12.89 26.14
N ILE D 147 -41.58 12.56 26.91
CA ILE D 147 -40.18 12.83 26.55
C ILE D 147 -39.46 11.56 26.13
N LEU D 148 -38.79 11.61 24.98
CA LEU D 148 -38.04 10.48 24.46
C LEU D 148 -36.54 10.79 24.54
N PHE D 149 -35.77 9.85 25.05
CA PHE D 149 -34.31 9.98 25.17
C PHE D 149 -33.63 9.09 24.14
N LEU D 150 -32.85 9.70 23.24
CA LEU D 150 -32.10 8.96 22.21
C LEU D 150 -30.66 8.81 22.68
N GLN D 151 -30.24 7.56 22.81
CA GLN D 151 -28.91 7.21 23.31
C GLN D 151 -27.97 6.78 22.19
N GLU D 152 -26.76 7.32 22.19
CA GLU D 152 -25.78 6.95 21.19
C GLU D 152 -25.29 5.53 21.53
N SER D 153 -25.07 4.72 20.51
CA SER D 153 -24.62 3.35 20.73
C SER D 153 -23.33 3.34 21.55
N GLY D 154 -22.94 2.16 22.03
CA GLY D 154 -21.72 2.07 22.81
C GLY D 154 -22.00 1.93 24.29
N HIS D 155 -20.97 1.63 25.07
CA HIS D 155 -21.15 1.46 26.50
C HIS D 155 -20.36 2.47 27.32
N TYR D 156 -20.06 3.63 26.75
CA TYR D 156 -19.28 4.63 27.49
C TYR D 156 -20.06 5.20 28.67
N ALA D 157 -19.34 5.42 29.77
CA ALA D 157 -19.90 5.93 31.02
C ALA D 157 -20.73 7.21 30.87
N VAL D 158 -20.27 8.16 30.04
CA VAL D 158 -21.00 9.41 29.88
C VAL D 158 -22.45 9.19 29.42
N THR D 159 -22.61 8.39 28.36
CA THR D 159 -23.92 8.09 27.79
C THR D 159 -24.79 7.32 28.79
N GLU D 160 -24.15 6.45 29.57
CA GLU D 160 -24.86 5.66 30.56
C GLU D 160 -25.36 6.59 31.67
N ASP D 161 -24.49 7.48 32.13
CA ASP D 161 -24.88 8.42 33.19
C ASP D 161 -26.10 9.25 32.79
N ARG D 162 -26.08 9.82 31.59
CA ARG D 162 -27.19 10.66 31.15
C ARG D 162 -28.54 9.93 31.02
N SER D 163 -28.52 8.69 30.55
CA SER D 163 -29.75 7.93 30.41
C SER D 163 -30.31 7.65 31.82
N VAL D 164 -29.40 7.37 32.76
CA VAL D 164 -29.77 7.13 34.16
C VAL D 164 -30.42 8.35 34.81
N GLY D 165 -29.90 9.54 34.49
CA GLY D 165 -30.44 10.76 35.06
C GLY D 165 -31.81 11.04 34.49
N PHE D 166 -31.97 10.75 33.20
CA PHE D 166 -33.24 10.94 32.52
C PHE D 166 -34.28 10.00 33.13
N LYS D 167 -33.92 8.73 33.22
CA LYS D 167 -34.84 7.74 33.78
C LYS D 167 -35.15 8.05 35.23
N GLN D 168 -34.18 8.59 35.95
CA GLN D 168 -34.37 8.93 37.36
C GLN D 168 -35.41 10.03 37.51
N TYR D 169 -35.36 11.03 36.62
CA TYR D 169 -36.33 12.11 36.72
C TYR D 169 -37.73 11.59 36.41
N CYS D 170 -37.87 10.90 35.28
CA CYS D 170 -39.16 10.35 34.87
C CYS D 170 -39.81 9.53 35.99
N ASP D 171 -39.00 8.76 36.70
CA ASP D 171 -39.50 7.94 37.81
C ASP D 171 -39.99 8.87 38.92
N ASP D 172 -39.18 9.87 39.25
CA ASP D 172 -39.53 10.83 40.29
C ASP D 172 -40.86 11.55 40.07
N VAL D 173 -41.17 11.92 38.83
CA VAL D 173 -42.42 12.63 38.54
C VAL D 173 -43.46 11.76 37.87
N LYS D 174 -43.19 10.46 37.83
CA LYS D 174 -44.11 9.49 37.26
C LYS D 174 -44.55 9.74 35.82
N ILE D 175 -43.59 9.79 34.90
CA ILE D 175 -43.90 9.97 33.49
C ILE D 175 -43.20 8.85 32.73
N SER D 176 -43.55 8.66 31.47
CA SER D 176 -42.91 7.61 30.68
C SER D 176 -41.42 7.90 30.56
N ASN D 177 -40.63 6.83 30.43
CA ASN D 177 -39.18 6.98 30.33
C ASN D 177 -38.57 6.29 29.10
N ASP D 178 -39.21 6.45 27.94
CA ASP D 178 -38.69 5.83 26.72
C ASP D 178 -37.23 6.22 26.46
N CYS D 179 -36.37 5.22 26.45
CA CYS D 179 -34.94 5.42 26.21
C CYS D 179 -34.52 4.48 25.08
N VAL D 180 -34.18 5.04 23.93
CA VAL D 180 -33.79 4.25 22.77
C VAL D 180 -32.34 4.44 22.33
N VAL D 181 -31.67 3.33 22.06
CA VAL D 181 -30.28 3.33 21.60
C VAL D 181 -30.26 3.29 20.07
N ILE D 182 -29.66 4.27 19.42
CA ILE D 182 -29.55 4.41 17.97
C ILE D 182 -28.19 3.94 17.49
N LYS D 183 -28.25 2.89 16.72
CA LYS D 183 -27.00 2.31 16.23
C LYS D 183 -26.51 2.88 14.91
N SER D 184 -27.42 3.47 14.14
CA SER D 184 -27.05 4.04 12.85
C SER D 184 -28.07 5.06 12.38
N MET D 185 -27.69 5.80 11.34
CA MET D 185 -28.54 6.81 10.75
C MET D 185 -29.79 6.17 10.18
N ASN D 186 -29.63 4.94 9.69
CA ASN D 186 -30.73 4.20 9.10
C ASN D 186 -31.67 3.73 10.21
N ASP D 187 -31.09 3.40 11.36
CA ASP D 187 -31.89 2.97 12.51
C ASP D 187 -32.72 4.15 12.99
N LEU D 188 -32.16 5.34 12.83
CA LEU D 188 -32.83 6.56 13.26
C LEU D 188 -34.04 6.84 12.39
N ARG D 189 -33.86 6.77 11.08
CA ARG D 189 -34.95 7.03 10.13
C ARG D 189 -36.11 6.07 10.34
N ASP D 190 -35.80 4.78 10.46
CA ASP D 190 -36.83 3.77 10.66
C ASP D 190 -37.54 3.99 11.98
N PHE D 191 -36.81 4.46 12.98
CA PHE D 191 -37.39 4.72 14.29
C PHE D 191 -38.34 5.91 14.18
N ILE D 192 -38.21 6.64 13.07
CA ILE D 192 -39.06 7.80 12.80
C ILE D 192 -38.77 8.95 13.75
N HIS D 201 -49.34 10.14 18.44
CA HIS D 201 -48.80 9.44 19.59
C HIS D 201 -47.29 9.70 19.75
N MET D 202 -46.74 10.56 18.91
CA MET D 202 -45.31 10.86 18.97
C MET D 202 -44.98 11.75 20.17
N PRO D 203 -43.74 11.69 20.67
CA PRO D 203 -43.33 12.50 21.81
C PRO D 203 -43.38 13.99 21.51
N SER D 204 -43.44 14.80 22.56
CA SER D 204 -43.49 16.24 22.39
C SER D 204 -42.08 16.83 22.31
N VAL D 205 -41.10 16.09 22.79
CA VAL D 205 -39.71 16.54 22.78
C VAL D 205 -38.79 15.34 22.82
N ILE D 206 -37.66 15.44 22.14
CA ILE D 206 -36.68 14.36 22.11
C ILE D 206 -35.35 14.89 22.62
N ILE D 207 -34.74 14.14 23.53
CA ILE D 207 -33.43 14.48 24.08
C ILE D 207 -32.42 13.55 23.43
N THR D 208 -31.29 14.10 22.99
CA THR D 208 -30.23 13.27 22.42
C THR D 208 -29.03 13.34 23.37
N SER D 209 -28.39 12.20 23.60
CA SER D 209 -27.27 12.13 24.52
C SER D 209 -26.05 12.96 24.10
N ASP D 210 -25.97 13.35 22.83
CA ASP D 210 -24.83 14.14 22.36
C ASP D 210 -25.12 14.88 21.04
N VAL D 211 -24.36 15.94 20.78
CA VAL D 211 -24.53 16.78 19.60
C VAL D 211 -24.46 16.10 18.24
N MET D 212 -23.56 15.13 18.09
CA MET D 212 -23.42 14.49 16.80
C MET D 212 -24.67 13.65 16.49
N LEU D 213 -25.20 12.95 17.49
CA LEU D 213 -26.44 12.19 17.27
C LEU D 213 -27.56 13.22 17.05
N ASN D 214 -27.46 14.36 17.74
CA ASN D 214 -28.48 15.39 17.57
C ASN D 214 -28.51 15.89 16.13
N MET D 215 -27.34 16.06 15.52
CA MET D 215 -27.29 16.53 14.13
C MET D 215 -28.07 15.58 13.23
N GLN D 216 -27.86 14.28 13.42
CA GLN D 216 -28.53 13.27 12.63
C GLN D 216 -30.04 13.29 12.83
N LEU D 217 -30.47 13.58 14.07
CA LEU D 217 -31.90 13.66 14.37
C LEU D 217 -32.54 14.85 13.65
N LEU D 218 -31.89 16.00 13.68
CA LEU D 218 -32.45 17.17 13.01
C LEU D 218 -32.55 16.92 11.49
N ASN D 219 -31.61 16.17 10.95
CA ASN D 219 -31.62 15.87 9.52
C ASN D 219 -32.84 15.01 9.17
N VAL D 220 -33.07 13.99 9.97
CA VAL D 220 -34.19 13.08 9.76
C VAL D 220 -35.55 13.76 9.98
N LEU D 221 -35.67 14.58 11.01
CA LEU D 221 -36.94 15.28 11.25
C LEU D 221 -37.23 16.19 10.05
N TYR D 222 -36.17 16.82 9.52
CA TYR D 222 -36.31 17.71 8.36
C TYR D 222 -36.75 16.90 7.12
N GLU D 223 -36.24 15.68 6.98
CA GLU D 223 -36.58 14.82 5.86
C GLU D 223 -38.07 14.48 5.89
N TYR D 224 -38.60 14.17 7.07
CA TYR D 224 -40.01 13.83 7.21
C TYR D 224 -40.86 15.06 7.49
N GLN D 225 -40.28 16.23 7.25
CA GLN D 225 -40.95 17.52 7.42
C GLN D 225 -41.57 17.85 8.77
N LEU D 226 -40.91 17.48 9.86
CA LEU D 226 -41.40 17.79 11.19
C LEU D 226 -40.68 19.07 11.64
N ARG D 227 -41.42 20.17 11.68
CA ARG D 227 -40.84 21.46 12.08
C ARG D 227 -40.59 21.55 13.58
N ILE D 228 -39.53 22.26 13.94
CA ILE D 228 -39.13 22.45 15.32
C ILE D 228 -39.17 23.94 15.63
N PRO D 229 -39.77 24.34 16.75
CA PRO D 229 -40.43 23.51 17.76
C PRO D 229 -41.92 23.25 17.50
N GLU D 230 -42.44 23.83 16.42
CA GLU D 230 -43.86 23.68 16.09
C GLU D 230 -44.42 22.26 16.18
N ASP D 231 -43.87 21.34 15.39
CA ASP D 231 -44.33 19.95 15.40
C ASP D 231 -43.68 19.12 16.50
N ILE D 232 -42.44 19.44 16.83
CA ILE D 232 -41.74 18.68 17.85
C ILE D 232 -40.54 19.46 18.38
N GLN D 233 -40.17 19.23 19.64
CA GLN D 233 -39.03 19.92 20.22
C GLN D 233 -37.85 18.99 20.42
N THR D 234 -36.66 19.57 20.55
CA THR D 234 -35.46 18.77 20.73
C THR D 234 -34.49 19.48 21.67
N ALA D 235 -33.62 18.70 22.30
CA ALA D 235 -32.62 19.22 23.21
C ALA D 235 -31.46 18.25 23.25
N THR D 236 -30.26 18.73 23.51
CA THR D 236 -29.12 17.83 23.54
C THR D 236 -28.09 18.22 24.59
N PHE D 237 -26.93 17.59 24.53
CA PHE D 237 -25.86 17.88 25.48
C PHE D 237 -24.66 18.51 24.79
N ASN D 238 -23.95 19.35 25.52
CA ASN D 238 -22.75 20.06 25.04
C ASN D 238 -23.05 21.24 24.14
N THR D 239 -23.02 22.43 24.72
CA THR D 239 -23.27 23.65 23.96
C THR D 239 -22.03 23.93 23.12
N SER D 240 -22.23 24.39 21.88
CA SER D 240 -21.12 24.69 20.98
C SER D 240 -21.65 25.39 19.75
N PHE D 241 -20.75 25.73 18.83
CA PHE D 241 -21.18 26.38 17.60
C PHE D 241 -22.24 25.53 16.91
N LEU D 242 -22.07 24.21 16.99
CA LEU D 242 -23.01 23.28 16.35
C LEU D 242 -24.44 23.39 16.89
N THR D 243 -24.59 23.53 18.20
CA THR D 243 -25.93 23.65 18.78
C THR D 243 -26.47 25.05 18.59
N GLU D 244 -25.58 26.04 18.72
CA GLU D 244 -25.98 27.43 18.56
C GLU D 244 -26.41 27.77 17.13
N ASN D 245 -25.83 27.08 16.16
CA ASN D 245 -26.17 27.34 14.77
C ASN D 245 -26.83 26.17 14.06
N ALA D 246 -27.42 25.27 14.84
CA ALA D 246 -28.11 24.11 14.28
C ALA D 246 -29.41 24.59 13.64
N THR D 247 -30.16 23.65 13.07
CA THR D 247 -31.41 23.98 12.40
C THR D 247 -32.63 23.36 13.09
N PRO D 248 -33.28 24.11 13.99
CA PRO D 248 -32.96 25.47 14.43
C PRO D 248 -31.98 25.41 15.61
N SER D 249 -31.64 26.54 16.23
CA SER D 249 -30.72 26.52 17.36
C SER D 249 -31.24 25.57 18.43
N GLN D 250 -30.34 24.80 19.02
CA GLN D 250 -30.69 23.79 20.00
C GLN D 250 -30.50 24.12 21.47
N THR D 251 -31.53 23.87 22.25
CA THR D 251 -31.46 24.07 23.69
C THR D 251 -30.47 22.97 24.10
N SER D 252 -29.50 23.32 24.93
CA SER D 252 -28.50 22.35 25.30
C SER D 252 -27.94 22.53 26.69
N VAL D 253 -27.21 21.51 27.14
CA VAL D 253 -26.57 21.53 28.45
C VAL D 253 -25.12 21.94 28.22
N ASN D 254 -24.69 23.02 28.87
CA ASN D 254 -23.30 23.45 28.73
C ASN D 254 -22.51 22.72 29.80
N ILE D 255 -21.52 21.94 29.36
CA ILE D 255 -20.73 21.17 30.30
C ILE D 255 -19.34 21.74 30.55
N ASN D 256 -19.11 22.96 30.05
CA ASN D 256 -17.84 23.63 30.27
C ASN D 256 -16.63 22.74 30.02
N PRO D 257 -16.51 22.23 28.79
CA PRO D 257 -15.40 21.35 28.42
C PRO D 257 -14.01 21.99 28.51
N ASP D 258 -13.94 23.30 28.32
CA ASP D 258 -12.64 23.97 28.42
C ASP D 258 -12.16 23.93 29.87
N VAL D 259 -13.10 23.94 30.81
CA VAL D 259 -12.75 23.88 32.22
C VAL D 259 -12.33 22.43 32.55
N LEU D 260 -12.97 21.47 31.90
CA LEU D 260 -12.61 20.07 32.14
C LEU D 260 -11.19 19.85 31.65
N GLY D 261 -10.87 20.45 30.51
CA GLY D 261 -9.54 20.29 29.92
C GLY D 261 -8.43 20.96 30.70
N PHE D 262 -8.68 22.20 31.12
CA PHE D 262 -7.71 22.97 31.86
C PHE D 262 -7.46 22.32 33.22
N THR D 263 -8.52 21.83 33.84
CA THR D 263 -8.40 21.16 35.13
C THR D 263 -7.60 19.86 34.96
N ALA D 264 -7.90 19.12 33.88
CA ALA D 264 -7.20 17.86 33.61
C ALA D 264 -5.73 18.08 33.32
N GLY D 265 -5.43 19.11 32.53
CA GLY D 265 -4.05 19.40 32.20
C GLY D 265 -3.23 19.78 33.42
N ASN D 266 -3.77 20.67 34.24
CA ASN D 266 -3.06 21.09 35.44
C ASN D 266 -2.92 19.99 36.48
N THR D 267 -3.93 19.13 36.57
CA THR D 267 -3.89 18.07 37.57
C THR D 267 -2.90 16.96 37.25
N ILE D 268 -2.80 16.57 35.99
CA ILE D 268 -1.86 15.50 35.66
C ILE D 268 -0.44 16.02 35.80
N ILE D 269 -0.24 17.31 35.56
CA ILE D 269 1.09 17.88 35.73
C ILE D 269 1.42 17.87 37.22
N ASP D 270 0.42 18.19 38.04
CA ASP D 270 0.58 18.18 39.50
C ASP D 270 0.99 16.80 40.00
N VAL D 271 0.43 15.77 39.38
CA VAL D 271 0.76 14.40 39.76
C VAL D 271 2.19 14.07 39.35
N LEU D 272 2.58 14.48 38.15
CA LEU D 272 3.92 14.21 37.65
C LEU D 272 4.99 14.98 38.42
N ARG D 273 4.59 16.06 39.09
CA ARG D 273 5.53 16.86 39.87
C ARG D 273 5.43 16.50 41.35
N ILE D 277 -2.05 9.08 39.83
CA ILE D 277 -1.10 9.20 40.92
C ILE D 277 -1.68 9.98 42.08
N SER D 278 -2.85 9.56 42.52
CA SER D 278 -3.51 10.23 43.63
C SER D 278 -4.97 9.81 43.65
N PHE D 279 -5.75 10.50 44.47
CA PHE D 279 -7.17 10.22 44.56
C PHE D 279 -7.92 11.48 44.12
N ARG D 280 -9.03 11.76 44.78
CA ARG D 280 -9.83 12.95 44.50
C ARG D 280 -10.58 12.95 43.15
N GLU D 281 -11.81 13.43 43.25
CA GLU D 281 -12.73 13.55 42.14
C GLU D 281 -13.02 15.03 42.02
N LYS D 282 -13.03 15.55 40.80
CA LYS D 282 -13.28 16.97 40.57
C LYS D 282 -14.47 17.10 39.63
N LEU D 283 -15.54 17.72 40.10
CA LEU D 283 -16.73 17.90 39.30
C LEU D 283 -16.88 19.31 38.77
N ILE D 284 -17.19 19.43 37.48
CA ILE D 284 -17.39 20.71 36.83
C ILE D 284 -18.88 20.90 36.64
N SER D 285 -19.38 22.09 36.95
CA SER D 285 -20.80 22.36 36.84
C SER D 285 -21.33 22.44 35.41
N THR D 286 -22.65 22.37 35.27
CA THR D 286 -23.28 22.44 33.97
C THR D 286 -24.45 23.42 34.07
N GLN D 287 -24.84 23.96 32.92
CA GLN D 287 -25.94 24.91 32.85
C GLN D 287 -26.80 24.60 31.63
N ILE D 288 -28.06 25.02 31.67
CA ILE D 288 -28.97 24.82 30.57
C ILE D 288 -28.94 26.08 29.72
N VAL D 289 -28.74 25.92 28.41
CA VAL D 289 -28.73 27.07 27.51
C VAL D 289 -30.00 26.94 26.66
N GLU D 290 -30.94 27.86 26.85
CA GLU D 290 -32.23 27.86 26.14
C GLU D 290 -32.15 28.45 24.75
N ARG D 291 -32.73 27.75 23.78
CA ARG D 291 -32.72 28.25 22.42
C ARG D 291 -34.06 28.03 21.72
N VAL D 292 -34.05 28.15 20.40
CA VAL D 292 -35.26 28.02 19.61
C VAL D 292 -35.95 26.66 19.63
N SER D 293 -35.16 25.59 19.79
CA SER D 293 -35.71 24.23 19.76
C SER D 293 -36.69 23.83 20.86
N THR D 294 -36.74 24.56 21.96
CA THR D 294 -37.70 24.25 23.02
C THR D 294 -38.55 25.48 23.34
N THR D 295 -39.75 25.26 23.86
CA THR D 295 -40.66 26.35 24.23
C THR D 295 -41.81 25.76 25.04
N LYS D 296 -42.53 26.61 25.79
CA LYS D 296 -43.65 26.13 26.59
C LYS D 296 -44.74 25.47 25.75
#